data_2NP5
#
_entry.id   2NP5
#
_cell.length_a   50.721
_cell.length_b   52.230
_cell.length_c   72.853
_cell.angle_alpha   102.31
_cell.angle_beta   107.25
_cell.angle_gamma   89.71
#
_symmetry.space_group_name_H-M   'P 1'
#
loop_
_entity.id
_entity.type
_entity.pdbx_description
1 polymer 'Transcriptional regulator'
2 non-polymer DODECYL-BETA-D-MALTOSIDE
3 non-polymer 'ETHYL DIMETHYL AMMONIO PROPANE SULFONATE'
4 water water
#
_entity_poly.entity_id   1
_entity_poly.type   'polypeptide(L)'
_entity_poly.pdbx_seq_one_letter_code
;(MSE)RERRYSSTSPERLAAALFDVAAESGLEGASVREVAKRAGVSIGAVQHHFSTKDE(MSE)FAFALRTLVDKLLARL
SEVERGGDPARALFAA(MSE)SQLLPLDEARSREAHV(MSE)AAFAVRAATSPSLAEIRRKTLFTIRTGLSAVLIGIGTP
EAETRAALLLATVDGLALDAIGSPALYPPEYLEHALDIQIG(MSE)ILQGADVVPSSSIELAS
;
_entity_poly.pdbx_strand_id   A,B,C,D
#
# COMPACT_ATOMS: atom_id res chain seq x y z
N THR A 9 -24.25 44.18 -3.60
CA THR A 9 -24.89 44.59 -2.29
C THR A 9 -23.99 44.17 -1.11
N SER A 10 -24.11 44.83 0.04
CA SER A 10 -23.08 44.79 1.07
C SER A 10 -22.76 43.42 1.74
N PRO A 11 -23.78 42.68 2.21
CA PRO A 11 -23.45 41.35 2.74
C PRO A 11 -22.77 40.48 1.68
N GLU A 12 -23.21 40.63 0.43
CA GLU A 12 -22.64 39.85 -0.69
C GLU A 12 -21.14 40.19 -0.90
N ARG A 13 -20.77 41.47 -0.74
CA ARG A 13 -19.37 41.87 -0.82
CA ARG A 13 -19.34 41.84 -0.85
C ARG A 13 -18.56 41.24 0.30
N LEU A 14 -19.19 41.13 1.48
CA LEU A 14 -18.53 40.51 2.60
C LEU A 14 -18.35 39.00 2.35
N ALA A 15 -19.38 38.34 1.81
CA ALA A 15 -19.31 36.91 1.43
C ALA A 15 -18.18 36.68 0.44
N ALA A 16 -18.02 37.61 -0.51
CA ALA A 16 -16.95 37.47 -1.56
C ALA A 16 -15.55 37.62 -0.92
N ALA A 17 -15.43 38.50 0.07
CA ALA A 17 -14.16 38.72 0.76
C ALA A 17 -13.86 37.45 1.58
N LEU A 18 -14.89 36.94 2.23
CA LEU A 18 -14.72 35.70 3.04
C LEU A 18 -14.21 34.55 2.16
N PHE A 19 -14.80 34.40 0.98
CA PHE A 19 -14.44 33.33 0.09
C PHE A 19 -12.96 33.53 -0.30
N ASP A 20 -12.56 34.77 -0.63
CA ASP A 20 -11.20 35.11 -1.03
C ASP A 20 -10.18 34.76 0.07
N VAL A 21 -10.53 35.09 1.32
CA VAL A 21 -9.68 34.77 2.47
C VAL A 21 -9.59 33.24 2.70
N ALA A 22 -10.73 32.58 2.71
CA ALA A 22 -10.83 31.11 2.94
C ALA A 22 -10.12 30.30 1.86
N ALA A 23 -10.17 30.77 0.61
CA ALA A 23 -9.53 30.02 -0.48
C ALA A 23 -8.01 30.14 -0.30
N GLU A 24 -7.56 31.22 0.34
CA GLU A 24 -6.13 31.42 0.61
C GLU A 24 -5.60 30.70 1.83
N SER A 25 -6.32 30.80 2.93
CA SER A 25 -5.74 30.40 4.20
CA SER A 25 -5.79 30.48 4.24
C SER A 25 -6.63 29.48 5.00
N GLY A 26 -7.70 29.00 4.36
CA GLY A 26 -8.69 28.18 5.05
C GLY A 26 -9.64 29.05 5.88
N LEU A 27 -10.64 28.42 6.44
CA LEU A 27 -11.62 29.12 7.24
C LEU A 27 -11.05 29.63 8.58
N GLU A 28 -9.93 29.07 9.05
CA GLU A 28 -9.23 29.56 10.24
C GLU A 28 -8.81 31.00 10.02
N GLY A 29 -8.56 31.37 8.76
CA GLY A 29 -8.11 32.72 8.43
C GLY A 29 -9.23 33.71 8.22
N ALA A 30 -10.48 33.25 8.38
CA ALA A 30 -11.63 34.05 8.04
C ALA A 30 -12.33 34.61 9.29
N SER A 31 -11.56 35.20 10.19
CA SER A 31 -12.09 35.99 11.31
C SER A 31 -12.86 37.22 10.79
N VAL A 32 -13.76 37.77 11.60
CA VAL A 32 -14.47 39.00 11.22
C VAL A 32 -13.46 40.07 10.81
N ARG A 33 -12.35 40.15 11.55
CA ARG A 33 -11.36 41.21 11.33
C ARG A 33 -10.65 41.03 9.97
N GLU A 34 -10.25 39.79 9.67
CA GLU A 34 -9.62 39.47 8.37
C GLU A 34 -10.57 39.69 7.20
N VAL A 35 -11.84 39.30 7.37
CA VAL A 35 -12.88 39.53 6.31
C VAL A 35 -13.10 41.04 6.10
N ALA A 36 -13.25 41.76 7.19
CA ALA A 36 -13.37 43.23 7.12
C ALA A 36 -12.15 43.84 6.40
N LYS A 37 -10.95 43.38 6.76
CA LYS A 37 -9.70 43.87 6.17
C LYS A 37 -9.68 43.62 4.65
N ARG A 38 -10.00 42.39 4.23
CA ARG A 38 -10.03 42.05 2.79
C ARG A 38 -11.10 42.82 2.01
N ALA A 39 -12.28 43.01 2.61
CA ALA A 39 -13.37 43.80 1.99
C ALA A 39 -13.10 45.31 1.94
N GLY A 40 -12.15 45.79 2.75
CA GLY A 40 -11.91 47.21 2.90
C GLY A 40 -12.97 47.98 3.67
N VAL A 41 -13.49 47.38 4.75
CA VAL A 41 -14.56 47.98 5.56
C VAL A 41 -14.17 47.92 7.06
N SER A 42 -14.91 48.61 7.93
CA SER A 42 -14.63 48.53 9.37
C SER A 42 -15.20 47.22 9.98
N ILE A 43 -14.67 46.77 11.11
CA ILE A 43 -15.28 45.67 11.86
C ILE A 43 -16.77 46.01 12.10
N GLY A 44 -17.03 47.26 12.50
CA GLY A 44 -18.40 47.73 12.76
C GLY A 44 -19.35 47.50 11.59
N ALA A 45 -18.90 47.79 10.36
CA ALA A 45 -19.65 47.48 9.12
C ALA A 45 -20.01 45.99 9.02
N VAL A 46 -19.08 45.12 9.38
CA VAL A 46 -19.36 43.69 9.31
C VAL A 46 -20.41 43.30 10.36
N GLN A 47 -20.19 43.76 11.59
CA GLN A 47 -21.04 43.38 12.73
C GLN A 47 -22.47 43.89 12.54
N HIS A 48 -22.61 44.95 11.75
CA HIS A 48 -23.90 45.53 11.39
C HIS A 48 -24.76 44.51 10.65
N HIS A 49 -24.15 43.83 9.69
CA HIS A 49 -24.83 42.81 8.91
C HIS A 49 -24.92 41.47 9.63
N PHE A 50 -23.88 41.09 10.37
CA PHE A 50 -23.82 39.77 11.01
C PHE A 50 -23.66 39.85 12.53
N SER A 51 -24.68 39.36 13.23
CA SER A 51 -24.72 39.42 14.70
C SER A 51 -23.59 38.59 15.31
N THR A 52 -23.24 37.54 14.57
CA THR A 52 -22.22 36.58 14.99
CA THR A 52 -22.26 36.54 14.99
C THR A 52 -21.36 36.11 13.84
N LYS A 53 -20.17 35.58 14.16
CA LYS A 53 -19.30 35.00 13.15
C LYS A 53 -19.99 33.80 12.45
N ASP A 54 -20.88 33.14 13.21
CA ASP A 54 -21.65 31.97 12.73
C ASP A 54 -22.51 32.42 11.56
N GLU A 55 -23.21 33.54 11.77
CA GLU A 55 -24.13 34.09 10.79
C GLU A 55 -23.37 34.55 9.55
N PHE A 57 -20.50 33.23 8.49
CA PHE A 57 -20.11 32.01 7.80
C PHE A 57 -21.32 31.40 7.05
N ALA A 58 -22.48 31.36 7.71
CA ALA A 58 -23.69 30.75 7.11
C ALA A 58 -24.07 31.54 5.87
N PHE A 59 -24.08 32.87 5.95
CA PHE A 59 -24.41 33.66 4.77
C PHE A 59 -23.43 33.37 3.59
N ALA A 60 -22.13 33.28 3.89
CA ALA A 60 -21.14 33.03 2.88
C ALA A 60 -21.39 31.65 2.26
N LEU A 61 -21.65 30.66 3.12
CA LEU A 61 -21.97 29.33 2.59
C LEU A 61 -23.19 29.31 1.66
N ARG A 62 -24.28 29.95 2.10
CA ARG A 62 -25.49 30.09 1.26
C ARG A 62 -25.14 30.73 -0.08
N THR A 63 -24.28 31.73 -0.07
CA THR A 63 -23.87 32.42 -1.30
C THR A 63 -23.20 31.43 -2.26
N LEU A 64 -22.30 30.61 -1.69
CA LEU A 64 -21.56 29.61 -2.45
C LEU A 64 -22.46 28.49 -3.02
N VAL A 65 -23.30 27.91 -2.16
CA VAL A 65 -24.24 26.83 -2.60
C VAL A 65 -25.21 27.36 -3.66
N ASP A 66 -25.61 28.64 -3.58
CA ASP A 66 -26.46 29.26 -4.62
C ASP A 66 -25.76 29.23 -6.00
N LYS A 67 -24.50 29.65 -6.03
CA LYS A 67 -23.68 29.65 -7.26
C LYS A 67 -23.59 28.24 -7.87
N LEU A 68 -23.28 27.25 -7.01
CA LEU A 68 -23.11 25.85 -7.45
C LEU A 68 -24.43 25.31 -8.00
N LEU A 69 -25.51 25.48 -7.24
CA LEU A 69 -26.81 24.99 -7.69
C LEU A 69 -27.28 25.67 -8.98
N ALA A 70 -26.93 26.96 -9.16
CA ALA A 70 -27.30 27.65 -10.40
C ALA A 70 -26.60 27.00 -11.59
N ARG A 71 -25.34 26.61 -11.40
CA ARG A 71 -24.60 25.94 -12.45
C ARG A 71 -25.19 24.58 -12.76
N LEU A 72 -25.62 23.83 -11.74
CA LEU A 72 -26.23 22.52 -11.96
C LEU A 72 -27.58 22.64 -12.69
N SER A 73 -28.31 23.69 -12.40
CA SER A 73 -29.62 23.87 -13.03
C SER A 73 -29.50 24.30 -14.51
N GLU A 74 -28.35 24.86 -14.90
CA GLU A 74 -28.05 25.26 -16.28
C GLU A 74 -27.62 24.10 -17.19
N VAL A 75 -27.37 22.92 -16.63
CA VAL A 75 -27.04 21.75 -17.42
C VAL A 75 -28.23 21.38 -18.33
N GLU A 76 -27.95 21.23 -19.62
CA GLU A 76 -28.88 20.78 -20.64
C GLU A 76 -29.03 19.28 -20.48
N ARG A 77 -30.20 18.82 -20.05
CA ARG A 77 -30.35 17.38 -19.78
C ARG A 77 -30.55 16.52 -21.02
N GLY A 78 -31.26 17.08 -21.98
CA GLY A 78 -31.54 16.45 -23.26
C GLY A 78 -32.03 15.02 -23.10
N GLY A 79 -31.48 14.14 -23.93
CA GLY A 79 -31.88 12.76 -23.95
C GLY A 79 -30.77 11.76 -23.58
N ASP A 80 -29.61 12.24 -23.13
CA ASP A 80 -28.50 11.31 -22.86
C ASP A 80 -28.11 11.41 -21.39
N PRO A 81 -28.56 10.44 -20.57
CA PRO A 81 -28.34 10.58 -19.12
C PRO A 81 -26.87 10.57 -18.69
N ALA A 82 -26.03 9.75 -19.31
CA ALA A 82 -24.60 9.67 -18.97
C ALA A 82 -23.92 11.04 -19.20
N ARG A 83 -24.26 11.66 -20.35
CA ARG A 83 -23.71 12.98 -20.73
C ARG A 83 -24.18 14.03 -19.70
N ALA A 84 -25.47 14.00 -19.34
CA ALA A 84 -26.02 14.99 -18.40
C ALA A 84 -25.38 14.83 -17.03
N LEU A 85 -25.28 13.59 -16.57
CA LEU A 85 -24.66 13.31 -15.27
C LEU A 85 -23.21 13.74 -15.26
N PHE A 86 -22.49 13.47 -16.33
CA PHE A 86 -21.10 13.92 -16.43
C PHE A 86 -20.99 15.47 -16.39
N ALA A 87 -21.83 16.14 -17.19
CA ALA A 87 -21.85 17.63 -17.24
C ALA A 87 -22.16 18.24 -15.86
N ALA A 88 -23.15 17.67 -15.17
CA ALA A 88 -23.58 18.16 -13.83
C ALA A 88 -22.47 17.92 -12.80
N SER A 90 -19.38 17.36 -13.21
CA SER A 90 -18.11 18.07 -13.58
C SER A 90 -18.08 19.47 -12.94
N GLN A 91 -19.26 20.02 -12.70
CA GLN A 91 -19.39 21.35 -12.09
C GLN A 91 -19.02 21.38 -10.59
N LEU A 92 -18.94 20.19 -9.99
CA LEU A 92 -18.58 19.99 -8.59
C LEU A 92 -17.20 19.39 -8.43
N LEU A 93 -16.44 19.35 -9.53
CA LEU A 93 -15.05 18.89 -9.51
C LEU A 93 -14.07 20.05 -9.76
N PRO A 94 -12.89 19.98 -9.09
CA PRO A 94 -11.91 21.05 -9.26
C PRO A 94 -11.14 20.91 -10.60
N LEU A 95 -11.83 21.13 -11.70
CA LEU A 95 -11.27 20.98 -13.04
C LEU A 95 -10.52 22.22 -13.55
N ASP A 96 -10.66 23.33 -12.84
CA ASP A 96 -9.93 24.58 -13.18
C ASP A 96 -9.69 25.41 -11.93
N GLU A 97 -9.01 26.56 -12.06
CA GLU A 97 -8.74 27.36 -10.86
C GLU A 97 -10.01 27.76 -10.07
N ALA A 98 -11.04 28.23 -10.77
CA ALA A 98 -12.27 28.67 -10.09
C ALA A 98 -12.86 27.53 -9.28
N ARG A 99 -12.95 26.34 -9.88
CA ARG A 99 -13.55 25.21 -9.18
C ARG A 99 -12.66 24.62 -8.09
N SER A 100 -11.34 24.77 -8.23
CA SER A 100 -10.41 24.38 -7.17
CA SER A 100 -10.44 24.36 -7.14
C SER A 100 -10.65 25.26 -5.93
N ARG A 101 -10.80 26.56 -6.16
CA ARG A 101 -11.07 27.49 -5.04
C ARG A 101 -12.38 27.13 -4.34
N GLU A 102 -13.43 26.88 -5.14
CA GLU A 102 -14.73 26.48 -4.62
C GLU A 102 -14.63 25.19 -3.81
N ALA A 103 -13.91 24.20 -4.31
CA ALA A 103 -13.71 22.94 -3.61
C ALA A 103 -13.09 23.10 -2.25
N HIS A 104 -12.08 23.95 -2.18
CA HIS A 104 -11.35 24.18 -0.94
C HIS A 104 -12.33 24.77 0.07
N VAL A 105 -12.97 25.84 -0.35
CA VAL A 105 -13.91 26.53 0.60
C VAL A 105 -15.10 25.64 0.99
N ALA A 107 -15.32 22.28 1.02
CA ALA A 107 -14.80 21.25 1.96
C ALA A 107 -14.60 21.85 3.36
N ALA A 108 -14.09 23.08 3.47
CA ALA A 108 -13.85 23.71 4.75
C ALA A 108 -15.17 23.87 5.48
N PHE A 109 -16.20 24.36 4.77
CA PHE A 109 -17.54 24.51 5.40
C PHE A 109 -18.13 23.15 5.79
N ALA A 110 -17.91 22.12 4.97
CA ALA A 110 -18.39 20.77 5.31
C ALA A 110 -17.80 20.29 6.61
N VAL A 111 -16.51 20.51 6.78
CA VAL A 111 -15.83 20.14 8.02
C VAL A 111 -16.35 20.96 9.20
N ARG A 112 -16.54 22.26 8.99
CA ARG A 112 -17.05 23.12 10.07
CA ARG A 112 -17.05 23.10 10.08
C ARG A 112 -18.50 22.74 10.45
N ALA A 113 -19.24 22.20 9.48
CA ALA A 113 -20.61 21.72 9.68
C ALA A 113 -20.71 20.65 10.77
N ALA A 114 -19.61 19.92 11.00
CA ALA A 114 -19.58 18.91 12.08
C ALA A 114 -19.83 19.53 13.45
N THR A 115 -19.50 20.81 13.60
CA THR A 115 -19.68 21.47 14.88
C THR A 115 -20.60 22.71 14.86
N SER A 116 -21.17 23.06 13.71
CA SER A 116 -21.97 24.27 13.58
C SER A 116 -23.37 23.86 13.07
N PRO A 117 -24.43 23.96 13.91
CA PRO A 117 -25.77 23.61 13.41
C PRO A 117 -26.25 24.40 12.19
N SER A 118 -25.96 25.71 12.14
CA SER A 118 -26.40 26.50 10.97
C SER A 118 -25.71 26.00 9.67
N LEU A 119 -24.40 25.74 9.71
CA LEU A 119 -23.75 25.21 8.51
C LEU A 119 -24.22 23.79 8.13
N ALA A 120 -24.39 22.94 9.13
CA ALA A 120 -24.97 21.57 8.90
C ALA A 120 -26.35 21.67 8.19
N GLU A 121 -27.18 22.63 8.61
CA GLU A 121 -28.50 22.75 8.02
C GLU A 121 -28.38 23.11 6.55
N ILE A 122 -27.49 24.03 6.24
CA ILE A 122 -27.31 24.47 4.85
C ILE A 122 -26.71 23.32 4.03
N ARG A 123 -25.71 22.63 4.58
CA ARG A 123 -25.13 21.46 3.92
CA ARG A 123 -25.10 21.43 3.97
C ARG A 123 -26.18 20.36 3.69
N ARG A 124 -26.97 20.05 4.71
CA ARG A 124 -28.01 19.01 4.60
C ARG A 124 -28.95 19.37 3.46
N LYS A 125 -29.42 20.61 3.45
CA LYS A 125 -30.39 21.04 2.44
C LYS A 125 -29.81 20.94 1.03
N THR A 126 -28.53 21.27 0.91
CA THR A 126 -27.81 21.26 -0.38
C THR A 126 -27.69 19.82 -0.88
N LEU A 127 -27.27 18.93 0.03
CA LEU A 127 -27.06 17.51 -0.32
C LEU A 127 -28.42 16.91 -0.66
N PHE A 128 -29.45 17.26 0.11
CA PHE A 128 -30.78 16.73 -0.17
C PHE A 128 -31.21 17.13 -1.58
N THR A 129 -31.02 18.39 -1.93
CA THR A 129 -31.44 18.94 -3.22
C THR A 129 -30.71 18.25 -4.40
N ILE A 130 -29.41 18.15 -4.25
CA ILE A 130 -28.61 17.53 -5.30
C ILE A 130 -28.99 16.04 -5.41
N ARG A 131 -29.06 15.32 -4.29
CA ARG A 131 -29.40 13.89 -4.32
C ARG A 131 -30.78 13.66 -4.95
N THR A 132 -31.72 14.54 -4.65
CA THR A 132 -33.05 14.46 -5.23
C THR A 132 -33.03 14.53 -6.75
N GLY A 133 -32.27 15.48 -7.30
CA GLY A 133 -32.17 15.65 -8.75
C GLY A 133 -31.50 14.41 -9.36
N LEU A 134 -30.40 13.96 -8.74
CA LEU A 134 -29.63 12.83 -9.26
C LEU A 134 -30.53 11.56 -9.20
N SER A 135 -31.24 11.39 -8.09
CA SER A 135 -32.18 10.23 -7.96
C SER A 135 -33.26 10.25 -9.07
N ALA A 136 -33.79 11.45 -9.41
CA ALA A 136 -34.87 11.61 -10.41
C ALA A 136 -34.29 11.07 -11.74
N VAL A 137 -33.08 11.51 -12.06
CA VAL A 137 -32.42 11.09 -13.32
C VAL A 137 -32.25 9.54 -13.38
N LEU A 138 -31.77 8.97 -12.28
CA LEU A 138 -31.50 7.53 -12.23
C LEU A 138 -32.80 6.68 -12.21
N ILE A 139 -33.80 7.10 -11.44
CA ILE A 139 -35.12 6.45 -11.46
C ILE A 139 -35.75 6.54 -12.85
N GLY A 140 -35.52 7.65 -13.54
CA GLY A 140 -36.08 7.88 -14.88
C GLY A 140 -35.64 6.84 -15.92
N ILE A 141 -34.56 6.12 -15.61
CA ILE A 141 -34.00 5.12 -16.52
C ILE A 141 -33.91 3.73 -15.89
N GLY A 142 -34.66 3.52 -14.80
CA GLY A 142 -34.74 2.24 -14.14
C GLY A 142 -33.42 1.78 -13.55
N THR A 143 -32.64 2.69 -12.96
CA THR A 143 -31.35 2.31 -12.35
C THR A 143 -31.60 1.48 -11.08
N PRO A 144 -30.95 0.30 -10.92
CA PRO A 144 -31.17 -0.45 -9.65
C PRO A 144 -30.64 0.37 -8.48
N GLU A 145 -31.30 0.29 -7.32
CA GLU A 145 -30.89 1.08 -6.13
C GLU A 145 -30.62 2.56 -6.43
N ALA A 146 -31.48 3.13 -7.24
CA ALA A 146 -31.28 4.47 -7.80
C ALA A 146 -30.93 5.50 -6.74
N GLU A 147 -31.69 5.54 -5.64
CA GLU A 147 -31.46 6.56 -4.59
CA GLU A 147 -31.43 6.61 -4.68
C GLU A 147 -30.06 6.49 -3.94
N THR A 148 -29.66 5.26 -3.58
CA THR A 148 -28.34 5.04 -3.00
C THR A 148 -27.23 5.29 -4.02
N ARG A 149 -27.42 4.86 -5.26
CA ARG A 149 -26.43 5.15 -6.29
C ARG A 149 -26.28 6.66 -6.52
N ALA A 150 -27.38 7.40 -6.44
CA ALA A 150 -27.30 8.88 -6.44
C ALA A 150 -26.39 9.48 -5.30
N ALA A 151 -26.61 9.05 -4.07
CA ALA A 151 -25.79 9.42 -2.94
C ALA A 151 -24.30 9.03 -3.19
N LEU A 152 -24.04 7.83 -3.73
CA LEU A 152 -22.68 7.38 -4.06
C LEU A 152 -22.01 8.26 -5.10
N LEU A 153 -22.76 8.64 -6.14
CA LEU A 153 -22.20 9.48 -7.21
C LEU A 153 -21.75 10.83 -6.62
N LEU A 154 -22.61 11.43 -5.81
CA LEU A 154 -22.27 12.67 -5.14
C LEU A 154 -21.04 12.52 -4.20
N ALA A 155 -20.98 11.42 -3.45
CA ALA A 155 -19.85 11.12 -2.58
C ALA A 155 -18.56 10.99 -3.37
N THR A 156 -18.62 10.40 -4.56
CA THR A 156 -17.43 10.24 -5.43
C THR A 156 -16.84 11.62 -5.75
N VAL A 157 -17.69 12.56 -6.18
CA VAL A 157 -17.20 13.90 -6.55
C VAL A 157 -16.69 14.63 -5.31
N ASP A 158 -17.41 14.52 -4.19
CA ASP A 158 -16.95 15.12 -2.97
C ASP A 158 -15.56 14.61 -2.47
N GLY A 159 -15.35 13.29 -2.54
CA GLY A 159 -14.15 12.63 -2.12
C GLY A 159 -13.00 12.98 -3.09
N LEU A 160 -13.27 12.92 -4.38
CA LEU A 160 -12.23 13.29 -5.37
C LEU A 160 -11.81 14.77 -5.17
N ALA A 161 -12.80 15.63 -4.91
CA ALA A 161 -12.51 17.07 -4.67
C ALA A 161 -11.63 17.22 -3.42
N LEU A 162 -12.00 16.50 -2.36
CA LEU A 162 -11.29 16.56 -1.06
C LEU A 162 -9.81 16.21 -1.25
N ASP A 163 -9.54 15.11 -1.95
CA ASP A 163 -8.16 14.70 -2.17
C ASP A 163 -7.32 15.67 -3.03
N ALA A 164 -7.95 16.26 -4.04
CA ALA A 164 -7.37 17.23 -4.95
C ALA A 164 -6.95 18.53 -4.26
N ILE A 165 -7.58 18.85 -3.12
CA ILE A 165 -7.15 19.99 -2.28
C ILE A 165 -5.70 20.02 -1.88
N GLY A 166 -5.23 18.91 -1.33
CA GLY A 166 -3.91 18.83 -0.78
C GLY A 166 -2.89 18.60 -1.87
N SER A 167 -3.30 18.01 -2.99
CA SER A 167 -2.38 17.62 -4.08
C SER A 167 -2.90 18.03 -5.46
N PRO A 168 -3.17 19.32 -5.67
CA PRO A 168 -3.81 19.72 -6.94
C PRO A 168 -3.04 19.33 -8.20
N ALA A 169 -1.70 19.33 -8.13
CA ALA A 169 -0.87 18.96 -9.29
C ALA A 169 -1.05 17.50 -9.67
N LEU A 170 -1.40 16.66 -8.71
CA LEU A 170 -1.62 15.21 -8.98
C LEU A 170 -3.03 14.82 -9.42
N TYR A 171 -3.98 15.76 -9.34
CA TYR A 171 -5.33 15.53 -9.82
C TYR A 171 -5.66 16.48 -10.99
N PRO A 172 -4.98 16.31 -12.14
CA PRO A 172 -5.26 17.21 -13.26
C PRO A 172 -6.69 16.92 -13.78
N PRO A 173 -7.27 17.85 -14.57
CA PRO A 173 -8.66 17.71 -14.93
C PRO A 173 -8.93 16.36 -15.61
N GLU A 174 -8.02 15.87 -16.45
CA GLU A 174 -8.26 14.64 -17.18
C GLU A 174 -8.30 13.39 -16.27
N TYR A 175 -7.57 13.44 -15.15
CA TYR A 175 -7.64 12.35 -14.22
C TYR A 175 -9.03 12.31 -13.57
N LEU A 176 -9.46 13.46 -13.13
CA LEU A 176 -10.74 13.62 -12.43
C LEU A 176 -11.92 13.26 -13.32
N GLU A 177 -11.83 13.66 -14.59
CA GLU A 177 -12.92 13.43 -15.54
C GLU A 177 -12.99 11.92 -15.85
N HIS A 178 -11.84 11.27 -15.97
CA HIS A 178 -11.75 9.82 -16.22
C HIS A 178 -12.38 9.04 -15.06
N ALA A 179 -11.93 9.34 -13.84
CA ALA A 179 -12.51 8.74 -12.64
C ALA A 179 -14.04 8.90 -12.62
N LEU A 180 -14.51 10.13 -12.80
CA LEU A 180 -15.99 10.40 -12.83
C LEU A 180 -16.70 9.56 -13.90
N ASP A 181 -16.13 9.49 -15.10
CA ASP A 181 -16.70 8.70 -16.23
C ASP A 181 -16.82 7.20 -15.81
N ILE A 182 -15.77 6.66 -15.18
CA ILE A 182 -15.77 5.26 -14.72
C ILE A 182 -16.86 5.01 -13.66
N GLN A 183 -16.97 5.94 -12.70
CA GLN A 183 -18.06 5.84 -11.72
C GLN A 183 -19.46 5.92 -12.33
N ILE A 184 -19.66 6.85 -13.27
CA ILE A 184 -20.93 6.96 -13.94
C ILE A 184 -21.24 5.66 -14.69
N GLY A 185 -20.25 5.09 -15.38
CA GLY A 185 -20.41 3.79 -16.03
C GLY A 185 -20.91 2.70 -15.07
N ILE A 187 -22.48 3.27 -12.17
CA ILE A 187 -23.80 3.71 -11.71
C ILE A 187 -24.92 3.30 -12.68
N LEU A 188 -24.63 3.35 -13.98
CA LEU A 188 -25.60 3.08 -15.03
C LEU A 188 -25.72 1.62 -15.41
N GLN A 189 -24.86 0.78 -14.85
CA GLN A 189 -24.96 -0.67 -15.10
C GLN A 189 -26.33 -1.21 -14.61
N GLY A 190 -27.08 -1.84 -15.51
CA GLY A 190 -28.42 -2.35 -15.19
C GLY A 190 -29.56 -1.37 -15.40
N ALA A 191 -29.21 -0.10 -15.67
CA ALA A 191 -30.16 0.92 -16.13
C ALA A 191 -30.60 0.67 -17.58
N ASP A 192 -31.71 1.26 -17.98
CA ASP A 192 -32.15 1.20 -19.39
C ASP A 192 -31.40 2.21 -20.31
N VAL A 193 -30.14 1.88 -20.60
CA VAL A 193 -29.34 2.68 -21.52
C VAL A 193 -28.41 1.81 -22.35
N VAL A 194 -27.82 2.40 -23.39
CA VAL A 194 -27.65 1.72 -24.67
C VAL A 194 -26.19 1.66 -25.08
N PRO A 195 -25.31 1.53 -24.09
CA PRO A 195 -23.91 1.16 -24.34
C PRO A 195 -23.57 -0.23 -23.82
N THR B 9 26.18 -45.98 4.41
CA THR B 9 25.61 -46.80 5.51
C THR B 9 24.75 -45.89 6.37
N SER B 10 24.84 -46.01 7.70
CA SER B 10 24.00 -45.21 8.58
C SER B 10 24.07 -43.69 8.32
N PRO B 11 25.29 -43.10 8.14
CA PRO B 11 25.28 -41.65 7.92
C PRO B 11 24.43 -41.22 6.72
N GLU B 12 24.53 -41.95 5.62
CA GLU B 12 23.72 -41.63 4.45
C GLU B 12 22.21 -41.82 4.69
N ARG B 13 21.87 -42.87 5.43
CA ARG B 13 20.47 -43.12 5.76
C ARG B 13 20.00 -42.01 6.69
N LEU B 14 20.87 -41.60 7.61
CA LEU B 14 20.50 -40.47 8.48
C LEU B 14 20.35 -39.17 7.70
N ALA B 15 21.23 -38.88 6.74
CA ALA B 15 21.11 -37.67 5.89
C ALA B 15 19.75 -37.67 5.13
N ALA B 16 19.37 -38.82 4.61
CA ALA B 16 18.10 -38.94 3.87
C ALA B 16 16.89 -38.76 4.79
N ALA B 17 16.94 -39.30 6.01
CA ALA B 17 15.80 -39.21 6.98
C ALA B 17 15.69 -37.74 7.39
N LEU B 18 16.84 -37.10 7.61
CA LEU B 18 16.79 -35.69 7.99
C LEU B 18 16.12 -34.89 6.89
N PHE B 19 16.52 -35.15 5.63
CA PHE B 19 15.88 -34.50 4.49
C PHE B 19 14.37 -34.67 4.54
N ASP B 20 13.93 -35.92 4.67
CA ASP B 20 12.50 -36.25 4.70
C ASP B 20 11.76 -35.52 5.84
N VAL B 21 12.33 -35.54 7.04
CA VAL B 21 11.68 -34.88 8.19
C VAL B 21 11.59 -33.37 7.99
N ALA B 22 12.71 -32.75 7.58
CA ALA B 22 12.76 -31.30 7.27
C ALA B 22 11.80 -30.93 6.16
N ALA B 23 11.64 -31.80 5.17
CA ALA B 23 10.77 -31.50 4.03
C ALA B 23 9.29 -31.48 4.46
N GLU B 24 8.96 -32.37 5.38
CA GLU B 24 7.59 -32.54 5.80
C GLU B 24 7.21 -31.58 6.90
N SER B 25 8.12 -31.29 7.81
CA SER B 25 7.74 -30.55 9.01
C SER B 25 8.66 -29.42 9.39
N GLY B 26 9.65 -29.19 8.54
CA GLY B 26 10.58 -28.11 8.73
C GLY B 26 11.82 -28.59 9.44
N LEU B 27 12.91 -27.89 9.20
CA LEU B 27 14.17 -28.27 9.79
C LEU B 27 14.23 -27.84 11.25
N GLU B 28 13.62 -26.68 11.54
CA GLU B 28 13.67 -26.01 12.84
C GLU B 28 13.36 -26.97 14.00
N GLY B 29 12.40 -27.86 13.79
CA GLY B 29 11.89 -28.69 14.85
C GLY B 29 12.44 -30.11 14.87
N ALA B 30 13.20 -30.49 13.83
CA ALA B 30 13.75 -31.86 13.68
C ALA B 30 14.80 -32.24 14.73
N SER B 31 14.45 -33.17 15.62
CA SER B 31 15.38 -33.65 16.63
C SER B 31 16.16 -34.88 16.15
N VAL B 32 17.25 -35.16 16.85
CA VAL B 32 18.06 -36.37 16.64
C VAL B 32 17.22 -37.66 16.78
N ARG B 33 16.37 -37.70 17.82
CA ARG B 33 15.40 -38.78 18.02
C ARG B 33 14.49 -38.97 16.81
N GLU B 34 13.91 -37.87 16.30
CA GLU B 34 12.96 -37.94 15.20
C GLU B 34 13.63 -38.46 13.94
N VAL B 35 14.85 -37.98 13.68
CA VAL B 35 15.62 -38.41 12.51
C VAL B 35 16.01 -39.90 12.59
N ALA B 36 16.59 -40.32 13.70
CA ALA B 36 16.91 -41.73 13.89
C ALA B 36 15.66 -42.63 13.70
N LYS B 37 14.56 -42.28 14.39
CA LYS B 37 13.26 -42.93 14.23
C LYS B 37 12.92 -43.13 12.75
N ARG B 38 12.96 -42.03 11.98
CA ARG B 38 12.60 -42.08 10.58
C ARG B 38 13.53 -42.97 9.77
N ALA B 39 14.83 -42.94 10.07
CA ALA B 39 15.82 -43.74 9.34
C ALA B 39 15.77 -45.25 9.67
N GLY B 40 15.21 -45.61 10.83
CA GLY B 40 15.21 -47.01 11.30
C GLY B 40 16.44 -47.34 12.13
N VAL B 41 17.49 -46.51 11.98
CA VAL B 41 18.76 -46.57 12.72
C VAL B 41 18.50 -46.34 14.22
N SER B 42 19.25 -47.02 15.08
CA SER B 42 19.13 -46.83 16.53
C SER B 42 19.75 -45.49 16.95
N ILE B 43 19.20 -44.90 18.00
CA ILE B 43 19.62 -43.59 18.54
C ILE B 43 21.12 -43.56 18.90
N GLY B 44 21.62 -44.67 19.46
CA GLY B 44 23.04 -44.81 19.77
C GLY B 44 23.92 -44.82 18.53
N ALA B 45 23.43 -45.39 17.44
CA ALA B 45 24.18 -45.44 16.17
C ALA B 45 24.35 -44.05 15.54
N VAL B 46 23.47 -43.12 15.92
CA VAL B 46 23.64 -41.72 15.51
C VAL B 46 24.91 -41.16 16.15
N GLN B 47 25.02 -41.35 17.46
CA GLN B 47 26.15 -40.86 18.24
C GLN B 47 27.48 -41.45 17.78
N HIS B 48 27.45 -42.70 17.30
CA HIS B 48 28.64 -43.36 16.75
C HIS B 48 29.19 -42.61 15.53
N HIS B 49 28.29 -42.15 14.67
CA HIS B 49 28.70 -41.49 13.45
C HIS B 49 28.84 -39.97 13.56
N PHE B 50 28.07 -39.34 14.44
CA PHE B 50 28.11 -37.88 14.53
C PHE B 50 28.39 -37.39 15.95
N SER B 51 29.48 -36.62 16.10
CA SER B 51 29.85 -36.09 17.43
C SER B 51 28.75 -35.15 17.94
N THR B 52 28.26 -34.28 17.05
CA THR B 52 27.29 -33.24 17.42
C THR B 52 26.08 -33.20 16.49
N LYS B 53 24.98 -32.61 16.95
CA LYS B 53 23.83 -32.34 16.07
C LYS B 53 24.20 -31.50 14.86
N ASP B 54 24.98 -30.43 15.08
CA ASP B 54 25.52 -29.61 13.99
C ASP B 54 26.22 -30.41 12.88
N GLU B 55 27.10 -31.35 13.28
CA GLU B 55 27.78 -32.26 12.36
C GLU B 55 26.79 -33.11 11.57
N PHE B 57 23.61 -32.30 10.83
CA PHE B 57 22.97 -31.38 9.88
C PHE B 57 23.90 -31.00 8.72
N ALA B 58 25.18 -30.78 9.03
CA ALA B 58 26.15 -30.39 8.00
C ALA B 58 26.28 -31.53 6.99
N PHE B 59 26.39 -32.76 7.50
CA PHE B 59 26.48 -33.91 6.60
C PHE B 59 25.24 -34.02 5.69
N ALA B 60 24.05 -33.83 6.27
CA ALA B 60 22.82 -33.84 5.51
C ALA B 60 22.84 -32.77 4.43
N LEU B 61 23.26 -31.55 4.78
CA LEU B 61 23.29 -30.48 3.79
C LEU B 61 24.28 -30.80 2.65
N ARG B 62 25.45 -31.32 3.02
CA ARG B 62 26.47 -31.71 2.02
C ARG B 62 25.87 -32.76 1.05
N THR B 63 25.11 -33.68 1.61
CA THR B 63 24.51 -34.77 0.80
C THR B 63 23.56 -34.17 -0.24
N LEU B 64 22.75 -33.19 0.21
CA LEU B 64 21.76 -32.53 -0.66
C LEU B 64 22.45 -31.67 -1.74
N VAL B 65 23.40 -30.83 -1.34
CA VAL B 65 24.07 -29.96 -2.35
C VAL B 65 24.84 -30.85 -3.39
N ASP B 66 25.38 -31.99 -2.97
CA ASP B 66 26.04 -32.95 -3.91
C ASP B 66 25.04 -33.43 -4.97
N LYS B 67 23.82 -33.75 -4.53
CA LYS B 67 22.74 -34.13 -5.46
C LYS B 67 22.39 -33.04 -6.44
N LEU B 68 22.19 -31.81 -5.95
CA LEU B 68 21.87 -30.65 -6.80
C LEU B 68 23.00 -30.37 -7.81
N LEU B 69 24.23 -30.34 -7.31
CA LEU B 69 25.40 -30.14 -8.17
C LEU B 69 25.56 -31.23 -9.22
N ALA B 70 25.24 -32.47 -8.86
CA ALA B 70 25.31 -33.58 -9.79
C ALA B 70 24.32 -33.31 -10.94
N ARG B 71 23.16 -32.76 -10.60
CA ARG B 71 22.14 -32.54 -11.63
C ARG B 71 22.55 -31.39 -12.55
N LEU B 72 23.15 -30.36 -11.98
CA LEU B 72 23.65 -29.25 -12.77
C LEU B 72 24.78 -29.72 -13.69
N SER B 73 25.60 -30.67 -13.21
CA SER B 73 26.67 -31.28 -14.03
C SER B 73 26.16 -31.99 -15.25
N GLU B 74 24.95 -32.53 -15.16
CA GLU B 74 24.43 -33.39 -16.24
CA GLU B 74 24.36 -33.38 -16.21
C GLU B 74 23.71 -32.58 -17.31
N VAL B 75 23.61 -31.27 -17.11
CA VAL B 75 23.00 -30.41 -18.12
C VAL B 75 23.80 -30.43 -19.43
N GLU B 76 23.11 -30.67 -20.55
CA GLU B 76 23.70 -30.71 -21.90
C GLU B 76 23.91 -29.30 -22.42
N ARG B 77 25.14 -28.81 -22.37
CA ARG B 77 25.33 -27.38 -22.61
C ARG B 77 25.18 -27.00 -24.09
N GLY B 78 25.61 -27.93 -24.96
CA GLY B 78 25.52 -27.74 -26.40
C GLY B 78 26.09 -26.40 -26.86
N GLY B 79 25.41 -25.79 -27.83
CA GLY B 79 25.79 -24.44 -28.25
C GLY B 79 24.68 -23.41 -28.16
N ASP B 80 23.74 -23.58 -27.23
CA ASP B 80 22.65 -22.62 -27.01
C ASP B 80 22.60 -22.22 -25.52
N PRO B 81 23.25 -21.11 -25.17
CA PRO B 81 23.45 -20.69 -23.77
C PRO B 81 22.11 -20.44 -23.08
N ALA B 82 21.19 -19.77 -23.75
CA ALA B 82 19.88 -19.52 -23.15
C ALA B 82 19.18 -20.83 -22.72
N ARG B 83 19.21 -21.84 -23.59
CA ARG B 83 18.59 -23.14 -23.32
C ARG B 83 19.31 -23.82 -22.17
N ALA B 84 20.64 -23.74 -22.16
CA ALA B 84 21.45 -24.34 -21.10
C ALA B 84 21.17 -23.71 -19.74
N LEU B 85 21.11 -22.38 -19.72
CA LEU B 85 20.85 -21.66 -18.47
C LEU B 85 19.49 -22.04 -17.93
N PHE B 86 18.52 -22.14 -18.83
CA PHE B 86 17.16 -22.50 -18.45
C PHE B 86 17.08 -23.93 -17.88
N ALA B 87 17.71 -24.86 -18.57
CA ALA B 87 17.75 -26.27 -18.10
C ALA B 87 18.43 -26.37 -16.73
N ALA B 88 19.51 -25.63 -16.51
CA ALA B 88 20.25 -25.71 -15.25
C ALA B 88 19.44 -25.06 -14.12
N SER B 90 16.37 -24.45 -13.98
CA SER B 90 15.10 -25.24 -13.76
C SER B 90 15.29 -26.30 -12.68
N GLN B 91 16.52 -26.78 -12.55
CA GLN B 91 16.82 -27.84 -11.58
C GLN B 91 16.81 -27.33 -10.14
N LEU B 92 16.82 -26.01 -10.00
CA LEU B 92 16.82 -25.33 -8.69
C LEU B 92 15.48 -24.65 -8.35
N LEU B 93 14.45 -24.89 -9.15
CA LEU B 93 13.12 -24.32 -8.93
C LEU B 93 12.14 -25.44 -8.58
N PRO B 94 11.19 -25.14 -7.69
CA PRO B 94 10.18 -26.15 -7.30
C PRO B 94 9.11 -26.40 -8.41
N LEU B 95 9.52 -27.06 -9.49
CA LEU B 95 8.66 -27.29 -10.65
C LEU B 95 7.90 -28.61 -10.52
N ASP B 96 8.25 -29.42 -9.52
CA ASP B 96 7.54 -30.68 -9.23
C ASP B 96 7.65 -30.99 -7.76
N GLU B 97 7.03 -32.08 -7.31
CA GLU B 97 7.05 -32.44 -5.89
C GLU B 97 8.47 -32.63 -5.37
N ALA B 98 9.29 -33.35 -6.13
CA ALA B 98 10.67 -33.63 -5.70
C ALA B 98 11.47 -32.34 -5.47
N ARG B 99 11.42 -31.42 -6.44
CA ARG B 99 12.12 -30.15 -6.29
C ARG B 99 11.51 -29.20 -5.25
N SER B 100 10.23 -29.37 -5.01
CA SER B 100 9.51 -28.61 -3.98
C SER B 100 10.03 -29.06 -2.60
N ARG B 101 10.13 -30.37 -2.38
CA ARG B 101 10.81 -30.84 -1.16
C ARG B 101 12.24 -30.30 -1.01
N GLU B 102 13.01 -30.34 -2.09
CA GLU B 102 14.38 -29.84 -2.07
C GLU B 102 14.46 -28.33 -1.72
N ALA B 103 13.58 -27.56 -2.35
CA ALA B 103 13.53 -26.10 -2.10
C ALA B 103 13.26 -25.78 -0.63
N HIS B 104 12.37 -26.56 -0.02
CA HIS B 104 11.91 -26.33 1.34
C HIS B 104 13.12 -26.60 2.24
N VAL B 105 13.76 -27.73 2.03
CA VAL B 105 14.88 -28.11 2.88
C VAL B 105 16.08 -27.16 2.65
N ALA B 107 16.07 -24.00 1.63
CA ALA B 107 15.70 -22.68 2.26
C ALA B 107 15.86 -22.74 3.79
N ALA B 108 15.41 -23.84 4.39
CA ALA B 108 15.50 -24.01 5.85
C ALA B 108 16.98 -24.02 6.25
N PHE B 109 17.79 -24.73 5.47
CA PHE B 109 19.24 -24.76 5.73
C PHE B 109 19.87 -23.38 5.61
N ALA B 110 19.40 -22.60 4.63
CA ALA B 110 19.92 -21.21 4.43
C ALA B 110 19.68 -20.34 5.66
N VAL B 111 18.49 -20.47 6.24
CA VAL B 111 18.15 -19.63 7.38
C VAL B 111 18.93 -20.10 8.59
N ARG B 112 19.05 -21.42 8.76
CA ARG B 112 19.85 -21.94 9.86
C ARG B 112 21.35 -21.56 9.73
N ALA B 113 21.84 -21.44 8.50
CA ALA B 113 23.24 -21.01 8.22
C ALA B 113 23.55 -19.67 8.87
N ALA B 114 22.53 -18.84 9.09
CA ALA B 114 22.79 -17.52 9.67
C ALA B 114 23.33 -17.64 11.09
N THR B 115 23.14 -18.79 11.72
CA THR B 115 23.67 -19.05 13.04
C THR B 115 24.53 -20.33 13.20
N SER B 116 24.92 -20.96 12.08
CA SER B 116 25.77 -22.15 12.11
C SER B 116 26.93 -21.95 11.12
N PRO B 117 28.13 -21.71 11.62
CA PRO B 117 29.25 -21.47 10.70
C PRO B 117 29.51 -22.64 9.74
N SER B 118 29.29 -23.89 10.21
CA SER B 118 29.51 -25.04 9.30
C SER B 118 28.49 -25.03 8.12
N LEU B 119 27.21 -24.77 8.42
CA LEU B 119 26.21 -24.70 7.37
C LEU B 119 26.49 -23.48 6.44
N ALA B 120 26.95 -22.36 6.99
CA ALA B 120 27.27 -21.15 6.17
C ALA B 120 28.40 -21.46 5.18
N GLU B 121 29.38 -22.23 5.65
CA GLU B 121 30.52 -22.60 4.81
C GLU B 121 30.07 -23.46 3.63
N ILE B 122 29.24 -24.47 3.91
CA ILE B 122 28.79 -25.38 2.86
C ILE B 122 27.99 -24.60 1.83
N ARG B 123 27.11 -23.74 2.32
CA ARG B 123 26.30 -22.87 1.43
C ARG B 123 27.19 -21.95 0.62
N ARG B 124 28.17 -21.35 1.27
CA ARG B 124 29.08 -20.42 0.58
C ARG B 124 29.76 -21.12 -0.59
N LYS B 125 30.33 -22.30 -0.33
CA LYS B 125 31.08 -23.03 -1.39
C LYS B 125 30.13 -23.43 -2.52
N THR B 126 28.93 -23.87 -2.16
CA THR B 126 27.92 -24.28 -3.15
C THR B 126 27.59 -23.08 -4.07
N LEU B 127 27.26 -21.96 -3.45
CA LEU B 127 26.97 -20.72 -4.20
C LEU B 127 28.19 -20.28 -5.05
N PHE B 128 29.39 -20.36 -4.50
CA PHE B 128 30.59 -20.00 -5.26
C PHE B 128 30.68 -20.86 -6.51
N THR B 129 30.48 -22.15 -6.32
CA THR B 129 30.62 -23.13 -7.40
C THR B 129 29.63 -22.83 -8.51
N ILE B 130 28.38 -22.58 -8.12
CA ILE B 130 27.33 -22.40 -9.14
C ILE B 130 27.56 -21.04 -9.85
N ARG B 131 27.83 -20.00 -9.07
CA ARG B 131 28.12 -18.69 -9.62
C ARG B 131 29.31 -18.74 -10.58
N THR B 132 30.34 -19.50 -10.20
CA THR B 132 31.50 -19.70 -11.08
C THR B 132 31.11 -20.31 -12.44
N GLY B 133 30.28 -21.37 -12.43
CA GLY B 133 29.80 -21.98 -13.67
C GLY B 133 28.96 -21.00 -14.49
N LEU B 134 28.04 -20.31 -13.81
CA LEU B 134 27.17 -19.36 -14.52
C LEU B 134 27.98 -18.20 -15.11
N SER B 135 28.96 -17.68 -14.35
CA SER B 135 29.87 -16.62 -14.82
C SER B 135 30.65 -17.08 -16.07
N ALA B 136 31.10 -18.33 -16.08
CA ALA B 136 31.84 -18.89 -17.24
C ALA B 136 30.96 -18.88 -18.47
N VAL B 137 29.72 -19.32 -18.33
CA VAL B 137 28.76 -19.32 -19.44
C VAL B 137 28.58 -17.85 -19.96
N LEU B 138 28.35 -16.91 -19.06
CA LEU B 138 28.04 -15.51 -19.47
C LEU B 138 29.28 -14.78 -20.07
N ILE B 139 30.45 -14.96 -19.47
CA ILE B 139 31.70 -14.47 -20.03
C ILE B 139 31.96 -15.09 -21.41
N GLY B 140 31.62 -16.37 -21.57
CA GLY B 140 31.86 -17.04 -22.86
C GLY B 140 31.08 -16.42 -24.03
N ILE B 141 30.09 -15.58 -23.74
CA ILE B 141 29.34 -14.90 -24.79
C ILE B 141 29.44 -13.35 -24.68
N GLY B 142 30.39 -12.87 -23.89
CA GLY B 142 30.62 -11.42 -23.82
C GLY B 142 29.46 -10.69 -23.14
N THR B 143 28.85 -11.31 -22.13
CA THR B 143 27.72 -10.70 -21.40
C THR B 143 28.24 -9.49 -20.57
N PRO B 144 27.55 -8.33 -20.66
CA PRO B 144 27.92 -7.17 -19.81
C PRO B 144 27.75 -7.51 -18.34
N GLU B 145 28.63 -7.00 -17.47
CA GLU B 145 28.57 -7.21 -16.01
C GLU B 145 28.36 -8.70 -15.71
N ALA B 146 29.13 -9.57 -16.37
CA ALA B 146 28.86 -11.01 -16.31
C ALA B 146 28.79 -11.58 -14.92
N GLU B 147 29.81 -11.30 -14.07
CA GLU B 147 29.88 -11.90 -12.73
C GLU B 147 28.67 -11.50 -11.87
N THR B 148 28.31 -10.22 -11.95
CA THR B 148 27.13 -9.72 -11.20
C THR B 148 25.84 -10.32 -11.72
N ARG B 149 25.70 -10.38 -13.05
CA ARG B 149 24.49 -10.96 -13.63
C ARG B 149 24.38 -12.46 -13.29
N ALA B 150 25.49 -13.19 -13.26
CA ALA B 150 25.50 -14.56 -12.76
C ALA B 150 24.99 -14.64 -11.28
N ALA B 151 25.52 -13.82 -10.38
CA ALA B 151 24.99 -13.75 -9.00
C ALA B 151 23.50 -13.49 -8.95
N LEU B 152 23.04 -12.60 -9.83
CA LEU B 152 21.65 -12.17 -9.90
C LEU B 152 20.76 -13.28 -10.37
N LEU B 153 21.21 -14.02 -11.37
CA LEU B 153 20.42 -15.13 -11.84
C LEU B 153 20.19 -16.17 -10.73
N LEU B 154 21.26 -16.49 -10.01
CA LEU B 154 21.19 -17.48 -8.93
C LEU B 154 20.26 -16.96 -7.82
N ALA B 155 20.40 -15.69 -7.46
CA ALA B 155 19.55 -15.08 -6.41
C ALA B 155 18.08 -15.11 -6.83
N THR B 156 17.77 -14.80 -8.10
CA THR B 156 16.38 -14.86 -8.65
C THR B 156 15.78 -16.22 -8.43
N VAL B 157 16.58 -17.23 -8.76
CA VAL B 157 16.16 -18.59 -8.67
C VAL B 157 15.88 -18.93 -7.19
N ASP B 158 16.81 -18.58 -6.31
CA ASP B 158 16.67 -18.89 -4.87
C ASP B 158 15.48 -18.12 -4.32
N GLY B 159 15.31 -16.87 -4.77
CA GLY B 159 14.16 -16.05 -4.33
C GLY B 159 12.81 -16.55 -4.82
N LEU B 160 12.76 -16.95 -6.08
CA LEU B 160 11.54 -17.54 -6.64
C LEU B 160 11.15 -18.82 -5.92
N ALA B 161 12.17 -19.64 -5.61
CA ALA B 161 11.93 -20.90 -4.90
C ALA B 161 11.36 -20.58 -3.52
N LEU B 162 12.00 -19.62 -2.84
CA LEU B 162 11.64 -19.17 -1.51
C LEU B 162 10.24 -18.59 -1.54
N ASP B 163 9.98 -17.66 -2.45
CA ASP B 163 8.60 -17.12 -2.56
C ASP B 163 7.57 -18.22 -2.84
N ALA B 164 7.94 -19.22 -3.66
CA ALA B 164 7.04 -20.32 -4.09
C ALA B 164 6.68 -21.37 -3.06
N ILE B 165 7.62 -21.74 -2.17
CA ILE B 165 7.33 -22.81 -1.16
C ILE B 165 6.28 -22.33 -0.15
N GLY B 166 6.20 -21.01 0.00
CA GLY B 166 5.15 -20.40 0.82
C GLY B 166 3.83 -20.29 0.08
N SER B 167 3.89 -19.60 -1.06
CA SER B 167 2.69 -19.31 -1.84
C SER B 167 2.69 -20.06 -3.16
N PRO B 168 2.50 -21.42 -3.11
CA PRO B 168 2.51 -22.25 -4.31
C PRO B 168 1.46 -21.82 -5.31
N ALA B 169 0.29 -21.41 -4.83
CA ALA B 169 -0.79 -20.96 -5.68
C ALA B 169 -0.34 -19.78 -6.53
N LEU B 170 0.35 -18.82 -5.91
CA LEU B 170 0.85 -17.63 -6.59
C LEU B 170 2.02 -17.96 -7.52
N TYR B 171 2.77 -19.02 -7.18
CA TYR B 171 3.91 -19.43 -8.00
C TYR B 171 3.86 -20.88 -8.55
N PRO B 172 2.88 -21.22 -9.41
CA PRO B 172 2.83 -22.56 -10.05
C PRO B 172 4.01 -22.79 -11.04
N PRO B 173 4.30 -24.06 -11.38
CA PRO B 173 5.48 -24.34 -12.23
C PRO B 173 5.51 -23.60 -13.56
N GLU B 174 4.38 -23.49 -14.26
CA GLU B 174 4.37 -22.77 -15.53
C GLU B 174 4.74 -21.27 -15.30
N TYR B 175 4.28 -20.69 -14.19
CA TYR B 175 4.64 -19.33 -13.81
C TYR B 175 6.14 -19.18 -13.51
N LEU B 176 6.68 -20.07 -12.69
CA LEU B 176 8.15 -20.12 -12.43
C LEU B 176 8.97 -20.24 -13.72
N GLU B 177 8.54 -21.08 -14.66
CA GLU B 177 9.32 -21.26 -15.89
C GLU B 177 9.29 -19.97 -16.70
N HIS B 178 8.10 -19.34 -16.77
CA HIS B 178 7.93 -18.05 -17.44
C HIS B 178 8.85 -16.98 -16.80
N ALA B 179 8.76 -16.80 -15.48
CA ALA B 179 9.66 -15.86 -14.76
C ALA B 179 11.14 -16.12 -15.04
N LEU B 180 11.56 -17.39 -15.01
CA LEU B 180 12.97 -17.75 -15.28
C LEU B 180 13.38 -17.32 -16.69
N ASP B 181 12.50 -17.61 -17.65
CA ASP B 181 12.76 -17.30 -19.04
C ASP B 181 12.90 -15.79 -19.24
N ILE B 182 12.02 -15.01 -18.62
CA ILE B 182 12.16 -13.53 -18.64
C ILE B 182 13.46 -13.00 -18.01
N GLN B 183 13.86 -13.56 -16.86
CA GLN B 183 15.12 -13.20 -16.22
C GLN B 183 16.32 -13.51 -17.16
N ILE B 184 16.30 -14.68 -17.79
CA ILE B 184 17.41 -15.09 -18.67
C ILE B 184 17.49 -14.14 -19.85
N GLY B 185 16.33 -13.78 -20.39
CA GLY B 185 16.25 -12.80 -21.50
C GLY B 185 16.90 -11.48 -21.12
N ILE B 187 19.13 -11.02 -18.59
CA ILE B 187 20.56 -11.35 -18.34
C ILE B 187 21.39 -11.39 -19.64
N LEU B 188 20.77 -11.84 -20.73
CA LEU B 188 21.50 -12.05 -21.99
C LEU B 188 21.47 -10.80 -22.90
N GLN B 189 20.81 -9.74 -22.44
CA GLN B 189 20.78 -8.47 -23.22
C GLN B 189 22.18 -7.89 -23.34
N GLY B 190 22.61 -7.65 -24.57
CA GLY B 190 23.97 -7.15 -24.85
C GLY B 190 25.01 -8.27 -25.05
N ALA B 191 24.63 -9.51 -24.74
CA ALA B 191 25.48 -10.70 -25.04
C ALA B 191 25.48 -11.04 -26.53
N ASP B 192 26.49 -11.79 -26.97
CA ASP B 192 26.58 -12.20 -28.37
C ASP B 192 25.73 -13.46 -28.59
N VAL B 193 24.42 -13.26 -28.58
CA VAL B 193 23.43 -14.31 -28.71
C VAL B 193 22.39 -13.83 -29.73
N VAL B 194 21.62 -14.75 -30.27
CA VAL B 194 20.43 -14.36 -31.01
C VAL B 194 19.30 -14.27 -29.99
N PRO B 195 18.61 -13.11 -29.93
CA PRO B 195 17.62 -12.80 -28.87
C PRO B 195 16.32 -13.61 -29.03
N SER C 10 5.76 11.64 25.95
CA SER C 10 5.10 12.98 25.77
C SER C 10 4.57 13.27 24.35
N PRO C 11 5.35 12.96 23.27
CA PRO C 11 4.78 13.26 21.96
C PRO C 11 3.52 12.44 21.62
N GLU C 12 3.46 11.19 22.07
CA GLU C 12 2.24 10.39 21.92
C GLU C 12 1.08 11.02 22.70
N ARG C 13 1.32 11.35 23.96
CA ARG C 13 0.36 12.08 24.80
C ARG C 13 -0.18 13.35 24.12
N LEU C 14 0.71 14.14 23.52
CA LEU C 14 0.33 15.34 22.77
C LEU C 14 -0.52 15.03 21.57
N ALA C 15 -0.22 13.92 20.89
CA ALA C 15 -0.97 13.53 19.67
C ALA C 15 -2.40 13.14 20.04
N ALA C 16 -2.53 12.43 21.17
CA ALA C 16 -3.82 12.00 21.66
C ALA C 16 -4.62 13.22 22.09
N ALA C 17 -3.94 14.16 22.75
CA ALA C 17 -4.57 15.37 23.26
C ALA C 17 -5.03 16.25 22.11
N LEU C 18 -4.19 16.40 21.07
CA LEU C 18 -4.59 17.10 19.86
C LEU C 18 -5.85 16.48 19.26
N PHE C 19 -5.85 15.15 19.06
CA PHE C 19 -6.99 14.45 18.43
C PHE C 19 -8.25 14.75 19.23
N ASP C 20 -8.09 14.73 20.54
CA ASP C 20 -9.19 14.96 21.47
C ASP C 20 -9.80 16.35 21.31
N VAL C 21 -8.93 17.36 21.27
CA VAL C 21 -9.38 18.76 21.07
C VAL C 21 -10.06 18.97 19.70
N ALA C 22 -9.38 18.52 18.65
CA ALA C 22 -9.86 18.54 17.25
C ALA C 22 -11.23 17.89 17.05
N ALA C 23 -11.45 16.72 17.65
CA ALA C 23 -12.73 16.03 17.54
C ALA C 23 -13.84 16.86 18.18
N GLU C 24 -13.49 17.52 19.28
CA GLU C 24 -14.41 18.35 20.05
C GLU C 24 -14.69 19.70 19.39
N SER C 25 -13.63 20.37 18.96
CA SER C 25 -13.73 21.77 18.55
C SER C 25 -13.10 22.06 17.20
N GLY C 26 -12.82 21.02 16.42
CA GLY C 26 -12.14 21.16 15.12
C GLY C 26 -10.70 21.58 15.31
N LEU C 27 -9.95 21.64 14.22
CA LEU C 27 -8.53 21.92 14.30
C LEU C 27 -8.19 23.35 14.71
N GLU C 28 -9.12 24.28 14.52
CA GLU C 28 -8.99 25.67 14.98
C GLU C 28 -8.86 25.79 16.52
N GLY C 29 -9.25 24.73 17.23
CA GLY C 29 -9.20 24.70 18.68
C GLY C 29 -7.87 24.17 19.19
N ALA C 30 -7.09 23.59 18.28
CA ALA C 30 -5.87 22.87 18.65
C ALA C 30 -4.63 23.76 18.64
N SER C 31 -4.70 24.86 19.38
CA SER C 31 -3.53 25.69 19.59
C SER C 31 -2.52 24.90 20.39
N VAL C 32 -1.26 25.26 20.24
CA VAL C 32 -0.21 24.75 21.11
C VAL C 32 -0.66 24.85 22.58
N ARG C 33 -1.19 26.01 22.97
CA ARG C 33 -1.72 26.24 24.32
C ARG C 33 -2.81 25.24 24.75
N GLU C 34 -3.83 25.06 23.91
CA GLU C 34 -4.94 24.17 24.26
C GLU C 34 -4.56 22.69 24.34
N VAL C 35 -3.63 22.28 23.48
CA VAL C 35 -3.13 20.90 23.46
C VAL C 35 -2.31 20.56 24.72
N ALA C 36 -1.52 21.51 25.21
CA ALA C 36 -0.77 21.38 26.47
C ALA C 36 -1.62 21.05 27.73
N LYS C 37 -2.69 21.81 27.94
CA LYS C 37 -3.59 21.57 29.06
C LYS C 37 -4.05 20.12 29.10
N ARG C 38 -4.31 19.56 27.93
CA ARG C 38 -5.13 18.36 27.82
C ARG C 38 -4.30 17.10 27.96
N ALA C 39 -2.98 17.26 27.96
CA ALA C 39 -2.07 16.12 28.00
C ALA C 39 -1.28 16.07 29.30
N GLY C 40 -1.19 17.22 29.98
CA GLY C 40 -0.31 17.37 31.11
C GLY C 40 0.07 18.81 31.37
N VAL C 41 0.65 19.46 30.37
CA VAL C 41 2.10 19.44 30.17
C VAL C 41 2.63 20.84 29.89
N SER C 42 3.83 21.13 30.37
CA SER C 42 4.47 22.41 30.11
C SER C 42 4.23 22.87 28.68
N ILE C 43 3.75 24.10 28.53
CA ILE C 43 3.72 24.76 27.23
C ILE C 43 5.10 24.78 26.58
N GLY C 44 6.13 24.63 27.40
CA GLY C 44 7.50 24.39 26.90
C GLY C 44 7.80 22.93 26.54
N ALA C 45 7.16 22.01 27.30
CA ALA C 45 7.27 20.58 27.01
C ALA C 45 6.85 20.30 25.58
N VAL C 46 5.80 20.99 25.13
CA VAL C 46 5.31 20.90 23.74
C VAL C 46 6.39 21.40 22.79
N GLN C 47 6.82 22.65 23.00
CA GLN C 47 7.87 23.30 22.21
C GLN C 47 9.16 22.49 22.20
N HIS C 48 9.38 21.70 23.24
CA HIS C 48 10.56 20.83 23.31
C HIS C 48 10.49 19.73 22.23
N HIS C 49 9.30 19.16 22.05
CA HIS C 49 9.13 18.06 21.08
C HIS C 49 8.87 18.54 19.65
N PHE C 50 8.16 19.66 19.51
CA PHE C 50 7.82 20.23 18.19
C PHE C 50 8.24 21.69 18.09
N SER C 51 9.14 21.99 17.16
CA SER C 51 9.59 23.38 16.96
C SER C 51 8.52 24.28 16.30
N THR C 52 7.61 23.69 15.54
CA THR C 52 6.49 24.46 15.01
C THR C 52 5.16 23.76 15.26
N LYS C 53 4.09 24.56 15.26
CA LYS C 53 2.71 24.04 15.29
C LYS C 53 2.48 23.03 14.15
N ASP C 54 3.00 23.32 12.97
CA ASP C 54 2.79 22.41 11.84
C ASP C 54 3.46 21.05 12.09
N GLU C 55 4.62 21.07 12.73
CA GLU C 55 5.30 19.84 13.12
C GLU C 55 4.42 19.01 14.08
N PHE C 57 1.05 19.21 14.41
CA PHE C 57 -0.05 18.64 13.59
C PHE C 57 0.35 17.41 12.78
N ALA C 58 1.53 17.48 12.15
CA ALA C 58 1.97 16.41 11.24
C ALA C 58 2.18 15.16 12.06
N PHE C 59 2.77 15.31 13.24
CA PHE C 59 2.99 14.17 14.15
C PHE C 59 1.65 13.52 14.55
N ALA C 60 0.66 14.35 14.87
CA ALA C 60 -0.69 13.87 15.21
C ALA C 60 -1.33 13.14 14.07
N LEU C 61 -1.20 13.68 12.86
CA LEU C 61 -1.74 13.00 11.69
C LEU C 61 -1.05 11.65 11.46
N ARG C 62 0.28 11.63 11.60
CA ARG C 62 1.03 10.40 11.40
C ARG C 62 0.53 9.35 12.38
N THR C 63 0.27 9.78 13.61
CA THR C 63 -0.23 8.88 14.69
C THR C 63 -1.61 8.30 14.33
N LEU C 64 -2.50 9.17 13.85
CA LEU C 64 -3.85 8.76 13.49
C LEU C 64 -3.77 7.77 12.33
N VAL C 65 -2.98 8.13 11.32
CA VAL C 65 -2.78 7.22 10.14
C VAL C 65 -2.21 5.83 10.51
N ASP C 66 -1.17 5.81 11.34
CA ASP C 66 -0.59 4.55 11.78
C ASP C 66 -1.61 3.67 12.49
N LYS C 67 -2.43 4.29 13.32
CA LYS C 67 -3.52 3.58 13.97
C LYS C 67 -4.58 3.03 13.00
N LEU C 68 -4.95 3.83 12.01
CA LEU C 68 -5.85 3.39 10.94
C LEU C 68 -5.28 2.19 10.16
N LEU C 69 -4.02 2.29 9.76
CA LEU C 69 -3.37 1.20 9.01
C LEU C 69 -3.30 -0.11 9.83
N ALA C 70 -3.07 -0.01 11.14
CA ALA C 70 -3.06 -1.20 12.01
C ALA C 70 -4.45 -1.85 12.08
N ARG C 71 -5.48 -1.00 12.01
CA ARG C 71 -6.84 -1.47 12.05
C ARG C 71 -7.25 -2.16 10.75
N LEU C 72 -6.99 -1.53 9.61
CA LEU C 72 -7.09 -2.20 8.31
C LEU C 72 -6.42 -3.58 8.29
N SER C 73 -5.21 -3.69 8.85
CA SER C 73 -4.48 -4.96 8.92
C SER C 73 -5.15 -6.07 9.75
N GLU C 74 -5.98 -5.69 10.71
CA GLU C 74 -6.73 -6.67 11.50
C GLU C 74 -7.92 -7.20 10.70
N VAL C 75 -8.64 -6.28 10.07
CA VAL C 75 -9.92 -6.59 9.43
C VAL C 75 -9.81 -7.12 8.00
N GLU C 76 -8.68 -6.87 7.34
CA GLU C 76 -8.54 -7.21 5.90
C GLU C 76 -7.63 -8.45 5.75
N ARG C 77 -8.13 -9.60 6.14
CA ARG C 77 -7.29 -10.81 6.29
C ARG C 77 -7.68 -12.03 5.41
N GLY C 78 -7.87 -11.82 4.11
CA GLY C 78 -8.16 -12.96 3.21
C GLY C 78 -9.65 -13.30 3.14
N GLY C 79 -9.94 -14.52 2.69
CA GLY C 79 -11.29 -15.04 2.47
C GLY C 79 -12.13 -14.16 1.56
N ASP C 80 -13.42 -14.10 1.87
CA ASP C 80 -14.39 -13.47 0.99
C ASP C 80 -13.98 -12.01 0.77
N PRO C 81 -13.78 -11.64 -0.51
CA PRO C 81 -13.38 -10.25 -0.78
C PRO C 81 -14.38 -9.18 -0.38
N ALA C 82 -15.67 -9.37 -0.68
CA ALA C 82 -16.66 -8.36 -0.36
C ALA C 82 -16.61 -8.04 1.14
N ARG C 83 -16.51 -9.09 1.97
CA ARG C 83 -16.60 -8.90 3.43
C ARG C 83 -15.34 -8.16 3.92
N ALA C 84 -14.19 -8.49 3.34
CA ALA C 84 -12.92 -7.84 3.69
C ALA C 84 -12.92 -6.38 3.26
N LEU C 85 -13.37 -6.12 2.04
CA LEU C 85 -13.42 -4.75 1.50
C LEU C 85 -14.37 -3.90 2.34
N PHE C 86 -15.49 -4.50 2.75
CA PHE C 86 -16.43 -3.81 3.61
C PHE C 86 -15.85 -3.50 4.99
N ALA C 87 -15.31 -4.53 5.67
CA ALA C 87 -14.70 -4.32 6.99
C ALA C 87 -13.64 -3.19 6.93
N ALA C 88 -12.82 -3.16 5.88
CA ALA C 88 -11.74 -2.19 5.77
C ALA C 88 -12.32 -0.78 5.54
N SER C 90 -15.31 0.34 6.01
CA SER C 90 -16.17 0.78 7.09
C SER C 90 -15.36 1.43 8.25
N GLN C 91 -14.05 1.20 8.31
CA GLN C 91 -13.16 1.83 9.32
C GLN C 91 -13.07 3.35 9.06
N LEU C 92 -13.30 3.75 7.83
CA LEU C 92 -13.25 5.18 7.41
C LEU C 92 -14.59 5.91 7.54
N LEU C 93 -15.65 5.17 7.83
CA LEU C 93 -17.00 5.75 7.88
C LEU C 93 -17.47 6.03 9.32
N PRO C 94 -18.23 7.15 9.53
CA PRO C 94 -18.64 7.54 10.88
C PRO C 94 -19.79 6.66 11.38
N LEU C 95 -19.50 5.39 11.69
CA LEU C 95 -20.56 4.42 11.96
C LEU C 95 -20.85 4.26 13.44
N ASP C 96 -19.93 4.76 14.26
CA ASP C 96 -20.12 4.83 15.73
C ASP C 96 -19.40 6.08 16.24
N GLU C 97 -19.57 6.44 17.52
CA GLU C 97 -18.92 7.67 18.02
C GLU C 97 -17.39 7.72 17.81
N ALA C 98 -16.69 6.62 18.03
CA ALA C 98 -15.24 6.58 17.85
C ALA C 98 -14.88 6.92 16.40
N ARG C 99 -15.57 6.32 15.45
CA ARG C 99 -15.21 6.49 14.03
C ARG C 99 -15.74 7.80 13.49
N SER C 100 -16.78 8.32 14.14
CA SER C 100 -17.28 9.66 13.85
C SER C 100 -16.23 10.74 14.22
N ARG C 101 -15.64 10.60 15.41
CA ARG C 101 -14.51 11.48 15.81
C ARG C 101 -13.31 11.36 14.86
N GLU C 102 -12.93 10.13 14.53
CA GLU C 102 -11.80 9.89 13.61
C GLU C 102 -12.08 10.52 12.23
N ALA C 103 -13.27 10.29 11.71
CA ALA C 103 -13.67 10.85 10.41
C ALA C 103 -13.65 12.37 10.40
N HIS C 104 -14.16 12.97 11.47
CA HIS C 104 -14.11 14.40 11.65
C HIS C 104 -12.67 14.93 11.61
N VAL C 105 -11.78 14.28 12.36
CA VAL C 105 -10.40 14.78 12.46
C VAL C 105 -9.65 14.55 11.12
N ALA C 107 -10.95 14.38 8.14
CA ALA C 107 -11.44 15.32 7.13
C ALA C 107 -10.81 16.69 7.40
N ALA C 108 -10.70 17.07 8.67
CA ALA C 108 -10.13 18.36 9.04
C ALA C 108 -8.68 18.45 8.53
N PHE C 109 -7.91 17.39 8.76
CA PHE C 109 -6.52 17.33 8.22
C PHE C 109 -6.51 17.40 6.69
N ALA C 110 -7.47 16.77 6.04
CA ALA C 110 -7.48 16.79 4.57
C ALA C 110 -7.70 18.20 4.01
N VAL C 111 -8.53 19.00 4.70
CA VAL C 111 -8.75 20.39 4.31
C VAL C 111 -7.52 21.22 4.68
N ARG C 112 -6.93 20.97 5.84
CA ARG C 112 -5.76 21.72 6.25
C ARG C 112 -4.55 21.48 5.32
N ALA C 113 -4.54 20.32 4.67
CA ALA C 113 -3.53 19.99 3.65
C ALA C 113 -3.50 21.03 2.51
N ALA C 114 -4.61 21.73 2.23
CA ALA C 114 -4.54 22.89 1.29
C ALA C 114 -3.42 23.90 1.57
N THR C 115 -3.09 24.11 2.84
CA THR C 115 -2.09 25.10 3.23
C THR C 115 -0.86 24.54 3.95
N SER C 116 -0.78 23.22 4.05
CA SER C 116 0.32 22.61 4.75
C SER C 116 0.89 21.47 3.91
N PRO C 117 2.07 21.71 3.29
CA PRO C 117 2.72 20.64 2.55
C PRO C 117 3.00 19.36 3.35
N SER C 118 3.35 19.47 4.64
CA SER C 118 3.63 18.23 5.39
C SER C 118 2.36 17.41 5.50
N LEU C 119 1.23 18.05 5.83
CA LEU C 119 -0.05 17.33 5.94
C LEU C 119 -0.51 16.76 4.60
N ALA C 120 -0.34 17.54 3.52
CA ALA C 120 -0.64 17.04 2.18
C ALA C 120 0.20 15.80 1.83
N GLU C 121 1.48 15.82 2.19
CA GLU C 121 2.32 14.68 1.83
C GLU C 121 1.97 13.44 2.63
N ILE C 122 1.70 13.62 3.92
CA ILE C 122 1.30 12.48 4.77
C ILE C 122 0.01 11.87 4.17
N ARG C 123 -0.97 12.72 3.83
CA ARG C 123 -2.23 12.23 3.24
C ARG C 123 -1.96 11.51 1.94
N ARG C 124 -1.10 12.08 1.12
CA ARG C 124 -0.82 11.48 -0.23
C ARG C 124 -0.25 10.07 -0.04
N LYS C 125 0.71 9.94 0.87
CA LYS C 125 1.36 8.64 1.05
C LYS C 125 0.34 7.65 1.60
N THR C 126 -0.53 8.15 2.50
CA THR C 126 -1.58 7.31 3.14
C THR C 126 -2.56 6.76 2.09
N LEU C 127 -3.01 7.64 1.19
CA LEU C 127 -3.96 7.27 0.14
C LEU C 127 -3.24 6.29 -0.80
N PHE C 128 -1.97 6.54 -1.11
CA PHE C 128 -1.22 5.63 -2.02
C PHE C 128 -1.18 4.20 -1.44
N THR C 129 -0.92 4.11 -0.13
CA THR C 129 -0.79 2.86 0.62
C THR C 129 -2.11 2.10 0.61
N ILE C 130 -3.20 2.81 0.94
CA ILE C 130 -4.53 2.15 1.02
C ILE C 130 -4.96 1.72 -0.38
N ARG C 131 -4.79 2.62 -1.34
CA ARG C 131 -5.17 2.37 -2.73
C ARG C 131 -4.41 1.13 -3.29
N THR C 132 -3.13 1.03 -2.97
CA THR C 132 -2.32 -0.09 -3.49
C THR C 132 -2.84 -1.41 -2.88
N GLY C 133 -3.15 -1.38 -1.59
CA GLY C 133 -3.77 -2.53 -0.89
C GLY C 133 -5.11 -2.95 -1.50
N LEU C 134 -5.99 -1.98 -1.73
CA LEU C 134 -7.29 -2.23 -2.42
C LEU C 134 -7.08 -2.78 -3.82
N SER C 135 -6.14 -2.17 -4.56
CA SER C 135 -5.83 -2.62 -5.93
C SER C 135 -5.37 -4.08 -5.95
N ALA C 136 -4.55 -4.47 -4.97
CA ALA C 136 -4.00 -5.82 -4.93
C ALA C 136 -5.16 -6.81 -4.73
N VAL C 137 -6.08 -6.46 -3.83
CA VAL C 137 -7.28 -7.27 -3.61
C VAL C 137 -8.09 -7.45 -4.89
N LEU C 138 -8.37 -6.34 -5.58
CA LEU C 138 -9.21 -6.37 -6.77
C LEU C 138 -8.51 -7.09 -7.94
N ILE C 139 -7.19 -6.94 -8.05
CA ILE C 139 -6.44 -7.62 -9.12
C ILE C 139 -6.49 -9.15 -8.86
N GLY C 140 -6.38 -9.52 -7.60
CA GLY C 140 -6.30 -10.93 -7.21
C GLY C 140 -7.54 -11.70 -7.56
N ILE C 141 -8.66 -10.99 -7.72
CA ILE C 141 -9.93 -11.61 -8.08
C ILE C 141 -10.40 -11.30 -9.52
N GLY C 142 -9.53 -10.71 -10.33
CA GLY C 142 -9.79 -10.50 -11.76
C GLY C 142 -10.77 -9.36 -12.02
N THR C 143 -10.76 -8.34 -11.16
CA THR C 143 -11.64 -7.21 -11.32
C THR C 143 -11.22 -6.37 -12.55
N PRO C 144 -12.18 -6.03 -13.43
CA PRO C 144 -11.92 -5.06 -14.52
C PRO C 144 -11.51 -3.68 -13.97
N GLU C 145 -10.55 -3.06 -14.64
CA GLU C 145 -10.05 -1.74 -14.31
C GLU C 145 -9.77 -1.64 -12.80
N ALA C 146 -9.06 -2.63 -12.28
CA ALA C 146 -8.88 -2.76 -10.82
C ALA C 146 -8.37 -1.49 -10.18
N GLU C 147 -7.33 -0.91 -10.77
CA GLU C 147 -6.63 0.21 -10.11
C GLU C 147 -7.52 1.43 -10.04
N THR C 148 -8.20 1.68 -11.16
CA THR C 148 -9.10 2.81 -11.21
C THR C 148 -10.27 2.56 -10.25
N ARG C 149 -10.80 1.33 -10.23
CA ARG C 149 -11.92 1.07 -9.34
C ARG C 149 -11.51 1.19 -7.87
N ALA C 150 -10.28 0.75 -7.56
CA ALA C 150 -9.75 0.92 -6.20
C ALA C 150 -9.69 2.41 -5.78
N ALA C 151 -9.13 3.24 -6.65
CA ALA C 151 -9.09 4.70 -6.46
C ALA C 151 -10.53 5.25 -6.17
N LEU C 152 -11.49 4.77 -6.96
CA LEU C 152 -12.90 5.19 -6.84
C LEU C 152 -13.54 4.73 -5.55
N LEU C 153 -13.29 3.48 -5.15
CA LEU C 153 -13.79 3.00 -3.88
C LEU C 153 -13.33 3.94 -2.74
N LEU C 154 -12.02 4.17 -2.67
CA LEU C 154 -11.45 5.00 -1.60
C LEU C 154 -11.98 6.46 -1.64
N ALA C 155 -11.99 7.06 -2.83
CA ALA C 155 -12.49 8.47 -3.02
C ALA C 155 -13.96 8.52 -2.53
N THR C 156 -14.73 7.51 -2.91
CA THR C 156 -16.17 7.54 -2.64
C THR C 156 -16.39 7.40 -1.13
N VAL C 157 -15.64 6.49 -0.51
CA VAL C 157 -15.70 6.33 0.97
C VAL C 157 -15.32 7.63 1.70
N ASP C 158 -14.22 8.22 1.28
CA ASP C 158 -13.82 9.56 1.81
C ASP C 158 -14.95 10.63 1.66
N GLY C 159 -15.57 10.69 0.46
CA GLY C 159 -16.66 11.61 0.22
C GLY C 159 -17.89 11.30 1.07
N LEU C 160 -18.20 10.01 1.24
CA LEU C 160 -19.34 9.63 2.05
C LEU C 160 -19.11 10.08 3.49
N ALA C 161 -17.88 9.93 3.97
CA ALA C 161 -17.51 10.28 5.37
C ALA C 161 -17.67 11.82 5.51
N LEU C 162 -17.17 12.58 4.55
CA LEU C 162 -17.30 14.05 4.56
C LEU C 162 -18.78 14.47 4.55
N ASP C 163 -19.54 13.99 3.57
CA ASP C 163 -20.99 14.24 3.50
C ASP C 163 -21.72 13.91 4.85
N ALA C 164 -21.35 12.81 5.48
CA ALA C 164 -22.02 12.32 6.66
C ALA C 164 -21.75 13.15 7.90
N ILE C 165 -20.51 13.59 8.08
CA ILE C 165 -20.18 14.30 9.31
C ILE C 165 -20.94 15.64 9.38
N GLY C 166 -21.12 16.28 8.23
CA GLY C 166 -21.82 17.57 8.17
C GLY C 166 -23.31 17.45 8.04
N SER C 167 -23.80 16.25 7.66
CA SER C 167 -25.24 15.98 7.63
C SER C 167 -25.57 14.59 8.15
N PRO C 168 -25.43 14.38 9.46
CA PRO C 168 -25.70 13.06 10.02
C PRO C 168 -27.11 12.52 9.77
N ALA C 169 -28.14 13.39 9.79
CA ALA C 169 -29.51 12.94 9.54
C ALA C 169 -29.73 12.32 8.14
N LEU C 170 -29.00 12.78 7.13
CA LEU C 170 -29.07 12.17 5.79
C LEU C 170 -28.26 10.86 5.66
N TYR C 171 -27.34 10.61 6.61
CA TYR C 171 -26.39 9.52 6.53
C TYR C 171 -26.29 8.73 7.83
N PRO C 172 -27.42 8.18 8.30
CA PRO C 172 -27.35 7.41 9.53
C PRO C 172 -26.46 6.18 9.30
N PRO C 173 -25.93 5.55 10.36
CA PRO C 173 -25.00 4.45 10.10
C PRO C 173 -25.59 3.34 9.21
N GLU C 174 -26.88 3.05 9.36
CA GLU C 174 -27.47 1.96 8.56
C GLU C 174 -27.49 2.30 7.07
N TYR C 175 -27.72 3.58 6.78
CA TYR C 175 -27.64 4.04 5.41
C TYR C 175 -26.21 3.98 4.86
N LEU C 176 -25.23 4.45 5.65
CA LEU C 176 -23.81 4.39 5.23
C LEU C 176 -23.38 2.93 4.89
N GLU C 177 -23.80 1.99 5.71
CA GLU C 177 -23.46 0.56 5.53
C GLU C 177 -24.11 0.05 4.24
N HIS C 178 -25.38 0.38 4.03
CA HIS C 178 -26.06 0.02 2.77
C HIS C 178 -25.32 0.65 1.56
N ALA C 179 -24.99 1.94 1.65
CA ALA C 179 -24.29 2.62 0.52
C ALA C 179 -22.92 1.95 0.24
N LEU C 180 -22.18 1.62 1.29
CA LEU C 180 -20.89 0.94 1.09
C LEU C 180 -21.10 -0.45 0.40
N ASP C 181 -22.13 -1.19 0.82
CA ASP C 181 -22.47 -2.50 0.21
C ASP C 181 -22.70 -2.33 -1.29
N ILE C 182 -23.52 -1.33 -1.61
CA ILE C 182 -23.84 -1.04 -2.99
C ILE C 182 -22.61 -0.68 -3.82
N GLN C 183 -21.78 0.24 -3.31
CA GLN C 183 -20.52 0.55 -3.98
C GLN C 183 -19.63 -0.67 -4.19
N ILE C 184 -19.48 -1.49 -3.14
CA ILE C 184 -18.66 -2.71 -3.27
C ILE C 184 -19.25 -3.62 -4.35
N GLY C 185 -20.57 -3.80 -4.33
CA GLY C 185 -21.22 -4.64 -5.33
C GLY C 185 -20.90 -4.14 -6.73
N ILE C 187 -18.21 -2.31 -7.68
CA ILE C 187 -16.78 -2.47 -7.99
C ILE C 187 -16.46 -3.93 -8.39
N LEU C 188 -17.21 -4.89 -7.82
CA LEU C 188 -16.96 -6.33 -8.01
C LEU C 188 -17.60 -6.85 -9.29
N GLN C 189 -18.37 -6.01 -9.97
CA GLN C 189 -19.01 -6.45 -11.22
C GLN C 189 -17.93 -6.84 -12.23
N GLY C 190 -17.99 -8.08 -12.72
CA GLY C 190 -16.99 -8.63 -13.65
C GLY C 190 -15.84 -9.38 -12.99
N ALA C 191 -15.78 -9.36 -11.66
CA ALA C 191 -14.73 -10.05 -10.89
C ALA C 191 -15.12 -11.54 -10.70
N ASP C 192 -14.17 -12.34 -10.22
CA ASP C 192 -14.44 -13.77 -9.96
C ASP C 192 -13.88 -14.27 -8.61
N VAL C 193 -14.67 -14.15 -7.53
CA VAL C 193 -16.04 -13.60 -7.51
C VAL C 193 -16.10 -12.41 -6.53
N SER D 10 4.00 4.92 17.96
CA SER D 10 3.52 3.82 18.86
C SER D 10 3.56 2.45 18.15
N PRO D 11 2.82 2.28 17.04
CA PRO D 11 3.01 1.08 16.20
C PRO D 11 4.49 0.82 15.86
N GLU D 12 5.28 1.89 15.81
CA GLU D 12 6.73 1.80 15.90
C GLU D 12 7.12 2.52 17.20
N ARG D 13 8.00 1.93 18.02
CA ARG D 13 8.84 0.78 17.66
C ARG D 13 8.30 -0.57 18.15
N LEU D 14 6.98 -0.71 18.16
CA LEU D 14 6.33 -1.98 18.45
C LEU D 14 6.64 -2.96 17.32
N ALA D 15 6.54 -2.47 16.09
CA ALA D 15 6.93 -3.21 14.89
C ALA D 15 8.41 -3.58 14.99
N ALA D 16 9.25 -2.59 15.29
CA ALA D 16 10.69 -2.78 15.42
C ALA D 16 11.08 -3.75 16.54
N ALA D 17 10.28 -3.77 17.59
CA ALA D 17 10.48 -4.66 18.73
C ALA D 17 10.21 -6.11 18.33
N LEU D 18 9.19 -6.30 17.50
CA LEU D 18 8.90 -7.65 17.01
C LEU D 18 10.14 -8.17 16.29
N PHE D 19 10.62 -7.43 15.28
CA PHE D 19 11.73 -7.92 14.48
C PHE D 19 12.96 -8.20 15.33
N ASP D 20 13.21 -7.34 16.32
CA ASP D 20 14.38 -7.48 17.21
C ASP D 20 14.30 -8.74 18.07
N VAL D 21 13.14 -8.96 18.69
CA VAL D 21 12.88 -10.15 19.50
C VAL D 21 12.92 -11.43 18.66
N ALA D 22 12.18 -11.43 17.54
CA ALA D 22 12.13 -12.57 16.62
C ALA D 22 13.52 -12.86 16.03
N ALA D 23 14.29 -11.80 15.81
CA ALA D 23 15.67 -11.95 15.29
C ALA D 23 16.56 -12.69 16.28
N GLU D 24 16.45 -12.33 17.56
CA GLU D 24 17.32 -12.88 18.60
C GLU D 24 16.92 -14.28 19.08
N SER D 25 15.63 -14.52 19.25
CA SER D 25 15.17 -15.76 19.89
C SER D 25 14.40 -16.72 18.96
N GLY D 26 14.37 -16.38 17.66
CA GLY D 26 13.65 -17.17 16.67
C GLY D 26 12.15 -16.94 16.72
N LEU D 27 11.46 -17.27 15.63
CA LEU D 27 9.99 -17.12 15.55
C LEU D 27 9.28 -17.89 16.66
N LYS D 53 2.62 -14.20 17.91
CA LYS D 53 1.30 -14.60 17.44
C LYS D 53 1.07 -14.18 15.99
N ASP D 54 -0.01 -14.65 15.40
CA ASP D 54 -0.33 -14.34 14.01
C ASP D 54 -0.57 -12.84 13.82
N GLU D 55 -1.19 -12.22 14.82
CA GLU D 55 -1.62 -10.83 14.71
C GLU D 55 -0.44 -9.87 14.74
N PHE D 57 2.66 -10.71 13.76
CA PHE D 57 3.47 -10.84 12.57
C PHE D 57 2.78 -10.21 11.36
N ALA D 58 1.47 -10.41 11.27
CA ALA D 58 0.65 -9.68 10.31
C ALA D 58 0.87 -8.17 10.45
N PHE D 59 0.87 -7.69 11.68
CA PHE D 59 1.12 -6.28 11.96
C PHE D 59 2.53 -5.88 11.56
N ALA D 60 3.50 -6.69 11.95
CA ALA D 60 4.90 -6.43 11.63
C ALA D 60 5.11 -6.34 10.12
N LEU D 61 4.65 -7.36 9.40
CA LEU D 61 4.81 -7.40 7.96
C LEU D 61 4.08 -6.24 7.29
N ARG D 62 2.92 -5.88 7.83
CA ARG D 62 2.14 -4.76 7.31
C ARG D 62 2.93 -3.46 7.42
N THR D 63 3.60 -3.27 8.54
CA THR D 63 4.43 -2.08 8.75
C THR D 63 5.57 -2.05 7.75
N LEU D 64 6.15 -3.23 7.51
CA LEU D 64 7.16 -3.35 6.49
C LEU D 64 6.62 -2.99 5.11
N VAL D 65 5.46 -3.53 4.75
CA VAL D 65 4.86 -3.26 3.45
C VAL D 65 4.60 -1.75 3.33
N ASP D 66 4.02 -1.18 4.38
CA ASP D 66 3.65 0.23 4.38
C ASP D 66 4.88 1.16 4.22
N LYS D 67 6.00 0.79 4.84
CA LYS D 67 7.26 1.54 4.62
C LYS D 67 7.77 1.49 3.19
N LEU D 68 7.78 0.29 2.59
CA LEU D 68 8.16 0.08 1.17
C LEU D 68 7.26 0.87 0.20
N LEU D 69 5.95 0.84 0.44
CA LEU D 69 5.01 1.51 -0.45
C LEU D 69 5.24 3.04 -0.38
N ALA D 70 5.59 3.51 0.80
CA ALA D 70 5.87 4.95 1.02
C ALA D 70 7.00 5.38 0.10
N ARG D 71 8.02 4.52 -0.02
CA ARG D 71 9.14 4.79 -0.88
C ARG D 71 8.74 4.74 -2.33
N LEU D 72 7.98 3.71 -2.72
CA LEU D 72 7.47 3.63 -4.12
C LEU D 72 6.55 4.78 -4.47
N SER D 73 5.85 5.32 -3.47
CA SER D 73 4.86 6.38 -3.70
C SER D 73 5.53 7.67 -4.23
N GLU D 74 6.84 7.84 -4.00
CA GLU D 74 7.56 9.05 -4.46
C GLU D 74 7.50 9.25 -5.99
N VAL D 75 7.33 8.15 -6.73
CA VAL D 75 7.20 8.25 -8.20
C VAL D 75 6.01 9.13 -8.62
N GLU D 76 4.88 9.00 -7.92
CA GLU D 76 3.69 9.89 -8.12
C GLU D 76 3.98 11.37 -8.16
N ARG D 77 4.91 11.79 -7.31
CA ARG D 77 5.19 13.19 -7.19
C ARG D 77 6.42 13.67 -7.98
N GLY D 78 6.82 12.85 -8.95
CA GLY D 78 7.83 13.23 -9.92
C GLY D 78 9.18 12.62 -9.59
N GLY D 79 9.22 11.71 -8.62
CA GLY D 79 10.48 11.10 -8.24
C GLY D 79 10.95 10.14 -9.33
N ASP D 80 12.24 9.86 -9.33
CA ASP D 80 12.84 9.03 -10.37
C ASP D 80 12.52 7.58 -10.09
N PRO D 81 11.99 6.85 -11.08
CA PRO D 81 11.61 5.46 -10.90
C PRO D 81 12.75 4.60 -10.41
N ALA D 82 13.94 4.73 -11.03
CA ALA D 82 15.07 3.90 -10.64
C ALA D 82 15.46 4.13 -9.16
N ARG D 83 15.51 5.40 -8.74
CA ARG D 83 15.88 5.70 -7.35
CA ARG D 83 15.87 5.73 -7.35
C ARG D 83 14.83 5.24 -6.34
N ALA D 84 13.54 5.35 -6.70
CA ALA D 84 12.43 4.90 -5.85
C ALA D 84 12.48 3.35 -5.70
N LEU D 85 12.69 2.65 -6.80
CA LEU D 85 12.76 1.19 -6.76
C LEU D 85 13.91 0.75 -5.86
N PHE D 86 15.06 1.41 -6.01
CA PHE D 86 16.24 1.09 -5.20
C PHE D 86 15.95 1.39 -3.73
N ALA D 87 15.44 2.59 -3.45
CA ALA D 87 15.17 2.99 -2.05
C ALA D 87 14.22 1.96 -1.39
N ALA D 88 13.22 1.49 -2.14
CA ALA D 88 12.18 0.54 -1.64
C ALA D 88 12.79 -0.85 -1.45
N SER D 90 15.95 -1.79 -1.34
CA SER D 90 17.17 -1.88 -0.47
C SER D 90 16.80 -2.09 1.01
N GLN D 91 15.53 -1.83 1.34
CA GLN D 91 15.03 -2.03 2.69
C GLN D 91 14.95 -3.53 3.05
N LEU D 92 14.85 -4.35 2.02
CA LEU D 92 14.74 -5.81 2.17
C LEU D 92 16.12 -6.50 2.17
N LEU D 93 17.20 -5.74 2.00
CA LEU D 93 18.52 -6.34 1.93
C LEU D 93 19.26 -6.10 3.24
N PRO D 94 20.14 -7.06 3.66
CA PRO D 94 20.85 -6.89 4.95
C PRO D 94 22.06 -5.97 4.76
N LEU D 95 21.78 -4.69 4.67
CA LEU D 95 22.81 -3.69 4.37
C LEU D 95 23.33 -3.00 5.62
N ASP D 96 22.61 -3.19 6.72
CA ASP D 96 23.05 -2.73 8.06
C ASP D 96 22.42 -3.66 9.14
N GLU D 97 22.79 -3.44 10.40
CA GLU D 97 22.36 -4.32 11.49
C GLU D 97 20.84 -4.50 11.56
N ALA D 98 20.09 -3.39 11.52
CA ALA D 98 18.64 -3.43 11.69
C ALA D 98 17.96 -4.19 10.56
N ARG D 99 18.43 -3.90 9.34
CA ARG D 99 17.94 -4.56 8.15
C ARG D 99 18.45 -5.99 8.05
N SER D 100 19.60 -6.27 8.65
CA SER D 100 20.08 -7.63 8.72
C SER D 100 19.17 -8.53 9.58
N ARG D 101 18.75 -8.07 10.74
CA ARG D 101 17.84 -8.89 11.51
C ARG D 101 16.40 -8.92 11.00
N GLU D 102 15.92 -7.84 10.37
CA GLU D 102 14.64 -7.90 9.65
C GLU D 102 14.72 -8.98 8.54
N ALA D 103 15.82 -8.99 7.80
CA ALA D 103 15.96 -9.92 6.69
C ALA D 103 15.99 -11.36 7.22
N HIS D 104 16.71 -11.60 8.31
CA HIS D 104 16.75 -12.89 9.00
C HIS D 104 15.33 -13.33 9.37
N VAL D 105 14.58 -12.43 10.00
CA VAL D 105 13.20 -12.75 10.40
C VAL D 105 12.31 -13.02 9.19
N ALA D 107 13.11 -14.07 6.16
CA ALA D 107 13.44 -15.37 5.57
C ALA D 107 12.90 -16.54 6.43
N ALA D 108 13.06 -16.44 7.77
CA ALA D 108 12.52 -17.45 8.67
C ALA D 108 11.00 -17.57 8.48
N PHE D 109 10.33 -16.43 8.28
CA PHE D 109 8.87 -16.40 8.09
C PHE D 109 8.52 -17.15 6.79
N ALA D 110 9.30 -16.87 5.74
CA ALA D 110 9.08 -17.47 4.42
C ALA D 110 9.23 -18.96 4.54
N VAL D 111 10.24 -19.43 5.29
CA VAL D 111 10.41 -20.87 5.56
C VAL D 111 9.26 -21.46 6.36
N ARG D 112 8.89 -20.82 7.46
CA ARG D 112 7.75 -21.23 8.26
C ARG D 112 6.44 -21.34 7.44
N ALA D 113 6.24 -20.44 6.48
CA ALA D 113 5.06 -20.46 5.58
C ALA D 113 4.90 -21.77 4.80
N ALA D 114 6.00 -22.47 4.55
CA ALA D 114 5.92 -23.76 3.86
C ALA D 114 5.12 -24.79 4.63
N THR D 115 5.11 -24.66 5.95
CA THR D 115 4.41 -25.61 6.83
C THR D 115 3.20 -25.02 7.59
N SER D 116 2.92 -23.74 7.40
CA SER D 116 1.87 -23.08 8.15
C SER D 116 0.96 -22.26 7.23
N PRO D 117 -0.23 -22.81 6.89
CA PRO D 117 -1.19 -22.19 5.96
C PRO D 117 -1.58 -20.77 6.30
N SER D 118 -1.68 -20.45 7.57
CA SER D 118 -2.08 -19.11 8.01
C SER D 118 -0.96 -18.10 7.74
N LEU D 119 0.29 -18.53 7.98
CA LEU D 119 1.47 -17.70 7.71
C LEU D 119 1.67 -17.53 6.20
N ALA D 120 1.47 -18.61 5.47
CA ALA D 120 1.50 -18.58 4.00
C ALA D 120 0.52 -17.55 3.42
N GLU D 121 -0.72 -17.51 3.94
CA GLU D 121 -1.67 -16.48 3.49
C GLU D 121 -1.16 -15.06 3.75
N ILE D 122 -0.64 -14.81 4.95
CA ILE D 122 -0.09 -13.50 5.32
C ILE D 122 1.07 -13.14 4.38
N ARG D 123 1.95 -14.12 4.16
CA ARG D 123 3.05 -13.93 3.22
C ARG D 123 2.57 -13.65 1.79
N ARG D 124 1.62 -14.45 1.32
CA ARG D 124 1.07 -14.29 -0.04
C ARG D 124 0.55 -12.86 -0.24
N LYS D 125 -0.21 -12.37 0.74
CA LYS D 125 -0.77 -11.03 0.66
C LYS D 125 0.32 -9.96 0.63
N THR D 126 1.31 -10.14 1.49
CA THR D 126 2.47 -9.25 1.56
C THR D 126 3.15 -9.17 0.21
N LEU D 127 3.53 -10.32 -0.31
CA LEU D 127 4.20 -10.43 -1.61
C LEU D 127 3.35 -9.75 -2.72
N PHE D 128 2.06 -10.08 -2.76
CA PHE D 128 1.21 -9.61 -3.83
C PHE D 128 1.03 -8.10 -3.75
N THR D 129 0.91 -7.57 -2.53
CA THR D 129 0.77 -6.10 -2.38
C THR D 129 2.02 -5.34 -2.81
N ILE D 130 3.19 -5.84 -2.42
CA ILE D 130 4.45 -5.22 -2.87
C ILE D 130 4.55 -5.29 -4.41
N ARG D 131 4.22 -6.45 -4.97
CA ARG D 131 4.27 -6.63 -6.44
C ARG D 131 3.31 -5.67 -7.18
N THR D 132 2.13 -5.44 -6.61
CA THR D 132 1.14 -4.56 -7.21
C THR D 132 1.75 -3.15 -7.29
N GLY D 133 2.35 -2.68 -6.18
CA GLY D 133 3.05 -1.36 -6.12
C GLY D 133 4.19 -1.29 -7.13
N LEU D 134 5.04 -2.31 -7.15
CA LEU D 134 6.14 -2.40 -8.14
C LEU D 134 5.65 -2.36 -9.57
N SER D 135 4.67 -3.20 -9.88
CA SER D 135 4.19 -3.29 -11.25
C SER D 135 3.51 -1.96 -11.69
N ALA D 136 2.86 -1.25 -10.78
CA ALA D 136 2.24 0.02 -11.16
C ALA D 136 3.31 1.03 -11.60
N VAL D 137 4.47 1.02 -10.94
CA VAL D 137 5.54 1.94 -11.28
C VAL D 137 6.05 1.60 -12.66
N LEU D 138 6.29 0.31 -12.86
CA LEU D 138 6.80 -0.19 -14.15
C LEU D 138 5.83 0.00 -15.32
N ILE D 139 4.54 -0.20 -15.07
CA ILE D 139 3.50 0.05 -16.08
C ILE D 139 3.47 1.54 -16.48
N GLY D 140 3.60 2.43 -15.49
CA GLY D 140 3.50 3.88 -15.68
C GLY D 140 4.58 4.41 -16.59
N ILE D 141 5.69 3.68 -16.70
CA ILE D 141 6.77 4.11 -17.59
C ILE D 141 6.87 3.23 -18.84
N GLY D 142 5.89 2.36 -19.06
CA GLY D 142 5.84 1.56 -20.30
C GLY D 142 6.92 0.49 -20.32
N THR D 143 7.13 -0.12 -19.16
CA THR D 143 8.08 -1.21 -19.07
C THR D 143 7.57 -2.46 -19.77
N PRO D 144 8.39 -3.05 -20.66
CA PRO D 144 8.01 -4.32 -21.26
C PRO D 144 7.87 -5.38 -20.17
N GLU D 145 6.89 -6.29 -20.32
CA GLU D 145 6.66 -7.43 -19.38
CA GLU D 145 6.81 -7.43 -19.38
C GLU D 145 6.60 -6.98 -17.92
N ALA D 146 5.90 -5.86 -17.71
CA ALA D 146 5.88 -5.15 -16.43
C ALA D 146 5.60 -6.02 -15.19
N GLU D 147 4.54 -6.81 -15.25
CA GLU D 147 4.11 -7.64 -14.10
C GLU D 147 5.11 -8.73 -13.75
N THR D 148 5.60 -9.43 -14.77
CA THR D 148 6.64 -10.42 -14.54
C THR D 148 7.95 -9.81 -14.05
N ARG D 149 8.37 -8.69 -14.65
CA ARG D 149 9.58 -8.01 -14.16
C ARG D 149 9.41 -7.56 -12.71
N ALA D 150 8.23 -7.06 -12.34
CA ALA D 150 7.94 -6.72 -10.93
C ALA D 150 8.14 -7.93 -9.98
N ALA D 151 7.55 -9.06 -10.36
CA ALA D 151 7.70 -10.28 -9.59
C ALA D 151 9.19 -10.69 -9.49
N LEU D 152 9.91 -10.55 -10.60
CA LEU D 152 11.37 -10.85 -10.61
C LEU D 152 12.17 -9.97 -9.74
N LEU D 153 11.85 -8.68 -9.74
CA LEU D 153 12.60 -7.78 -8.89
C LEU D 153 12.48 -8.21 -7.41
N LEU D 154 11.26 -8.46 -6.98
CA LEU D 154 11.03 -8.79 -5.57
C LEU D 154 11.72 -10.15 -5.26
N ALA D 155 11.59 -11.10 -6.18
CA ALA D 155 12.21 -12.42 -6.02
C ALA D 155 13.71 -12.34 -5.91
N THR D 156 14.31 -11.49 -6.74
CA THR D 156 15.74 -11.39 -6.80
C THR D 156 16.22 -10.78 -5.49
N VAL D 157 15.46 -9.83 -4.97
CA VAL D 157 15.80 -9.25 -3.67
C VAL D 157 15.64 -10.24 -2.46
N ASP D 158 14.51 -10.95 -2.44
CA ASP D 158 14.26 -12.03 -1.45
C ASP D 158 15.43 -13.04 -1.51
N GLY D 159 15.84 -13.40 -2.73
CA GLY D 159 16.95 -14.37 -2.89
C GLY D 159 18.30 -13.84 -2.48
N LEU D 160 18.59 -12.58 -2.81
CA LEU D 160 19.86 -11.98 -2.43
C LEU D 160 19.96 -11.91 -0.92
N ALA D 161 18.82 -11.60 -0.27
CA ALA D 161 18.82 -11.48 1.17
C ALA D 161 19.02 -12.87 1.77
N LEU D 162 18.32 -13.85 1.23
CA LEU D 162 18.48 -15.26 1.73
C LEU D 162 19.95 -15.72 1.58
N ASP D 163 20.50 -15.51 0.40
CA ASP D 163 21.87 -15.98 0.06
C ASP D 163 22.89 -15.25 0.94
N ALA D 164 22.65 -13.97 1.18
CA ALA D 164 23.54 -13.15 2.01
C ALA D 164 23.41 -13.46 3.50
N ILE D 165 22.22 -13.89 3.94
CA ILE D 165 21.97 -14.28 5.33
C ILE D 165 22.78 -15.56 5.63
N GLY D 166 22.65 -16.53 4.71
CA GLY D 166 23.30 -17.83 4.79
C GLY D 166 24.75 -17.90 4.32
N SER D 167 25.25 -16.83 3.68
CA SER D 167 26.65 -16.70 3.21
C SER D 167 27.15 -15.23 3.18
N PRO D 168 27.25 -14.57 4.37
CA PRO D 168 27.59 -13.13 4.41
C PRO D 168 28.83 -12.70 3.60
N ALA D 169 29.89 -13.50 3.60
CA ALA D 169 31.17 -13.10 3.01
C ALA D 169 31.16 -12.90 1.48
N LEU D 170 30.29 -13.64 0.79
CA LEU D 170 30.17 -13.54 -0.68
C LEU D 170 29.29 -12.35 -1.06
N TYR D 171 28.62 -11.77 -0.06
CA TYR D 171 27.61 -10.72 -0.25
C TYR D 171 27.75 -9.53 0.72
N PRO D 172 28.89 -8.81 0.66
CA PRO D 172 29.01 -7.57 1.44
C PRO D 172 28.02 -6.46 0.98
N PRO D 173 27.73 -5.48 1.85
CA PRO D 173 26.72 -4.46 1.50
C PRO D 173 26.96 -3.77 0.16
N GLU D 174 28.23 -3.50 -0.16
CA GLU D 174 28.57 -2.81 -1.40
C GLU D 174 28.24 -3.70 -2.59
N TYR D 175 28.49 -5.00 -2.42
CA TYR D 175 28.12 -5.97 -3.46
C TYR D 175 26.63 -6.04 -3.64
N LEU D 176 25.90 -6.14 -2.55
CA LEU D 176 24.40 -6.15 -2.58
C LEU D 176 23.80 -4.94 -3.30
N GLU D 177 24.28 -3.76 -2.94
CA GLU D 177 23.84 -2.52 -3.57
C GLU D 177 24.15 -2.52 -5.06
N HIS D 178 25.35 -2.95 -5.44
CA HIS D 178 25.70 -3.03 -6.88
C HIS D 178 24.76 -4.00 -7.62
N ALA D 179 24.59 -5.20 -7.07
CA ALA D 179 23.68 -6.21 -7.63
C ALA D 179 22.27 -5.67 -7.82
N LEU D 180 21.75 -4.97 -6.82
CA LEU D 180 20.40 -4.44 -6.91
C LEU D 180 20.37 -3.39 -8.04
N ASP D 181 21.41 -2.56 -8.11
CA ASP D 181 21.55 -1.52 -9.16
C ASP D 181 21.49 -2.18 -10.54
N ILE D 182 22.23 -3.29 -10.69
CA ILE D 182 22.31 -3.95 -11.97
C ILE D 182 20.95 -4.55 -12.33
N GLN D 183 20.30 -5.22 -11.35
CA GLN D 183 18.93 -5.76 -11.58
C GLN D 183 17.91 -4.69 -12.01
N ILE D 184 17.89 -3.58 -11.28
CA ILE D 184 17.02 -2.43 -11.65
C ILE D 184 17.27 -1.93 -13.08
N GLY D 185 18.54 -1.76 -13.44
CA GLY D 185 18.89 -1.36 -14.82
C GLY D 185 18.33 -2.32 -15.86
N ILE D 187 15.71 -4.35 -15.40
CA ILE D 187 14.23 -4.25 -15.31
C ILE D 187 13.72 -3.08 -16.17
N LEU D 188 14.48 -1.99 -16.16
CA LEU D 188 14.08 -0.72 -16.78
C LEU D 188 14.47 -0.60 -18.26
N GLN D 189 15.17 -1.61 -18.78
CA GLN D 189 15.50 -1.71 -20.18
C GLN D 189 14.22 -1.77 -21.03
N GLY D 190 14.07 -0.78 -21.93
CA GLY D 190 12.88 -0.70 -22.77
C GLY D 190 11.80 0.22 -22.23
N ALA D 191 11.99 0.74 -21.01
CA ALA D 191 11.06 1.73 -20.41
C ALA D 191 11.36 3.18 -20.80
N ASP D 192 10.44 4.09 -20.46
CA ASP D 192 10.55 5.54 -20.75
C ASP D 192 11.30 5.87 -22.05
#